data_1UUW
#
_entry.id   1UUW
#
_cell.length_a   140.556
_cell.length_b   140.556
_cell.length_c   210.288
_cell.angle_alpha   90.00
_cell.angle_beta   90.00
_cell.angle_gamma   120.00
#
_symmetry.space_group_name_H-M   'H 3 2'
#
loop_
_entity.id
_entity.type
_entity.pdbx_description
1 polymer 'NAPHTHALENE 1,2-DIOXYGENASE ALPHA SUBUNIT'
2 polymer 'NAPHTHALENE 1,2-DIOXYGENASE BETA SUBUNIT'
3 non-polymer 'FE2/S2 (INORGANIC) CLUSTER'
4 non-polymer 'NITRIC OXIDE'
5 non-polymer 'FE (III) ION'
6 non-polymer 'SULFATE ION'
7 water water
#
loop_
_entity_poly.entity_id
_entity_poly.type
_entity_poly.pdbx_seq_one_letter_code
_entity_poly.pdbx_strand_id
1 'polypeptide(L)'
;MNYNNKILVSESGLSQKHLIHGDEELFQHELKTIFARNWLFLTHDSLIPAPGDYVTAKMGIDEVIVSRQNDGSIRAFLNV
CRHRGKTLVSVEAGNAKGFVCSYHGWGFGSNGELQSVPFEKDLYGESLNKKCLGLKEVARVESFHGFIYGCFDQEAPPLM
DYLGDAAWYLEPMFKHSGGLELVGPPGKVVIKANWKAPAENFVGDAYHVGWTHASSLRSGESIFSSLAGNAALPPEGAGL
QMTSKYGSGMGVLWDGYSGVHSADLVPELMAFGGAKQERLNKEIGDVRARIYRSHLNCTVFPNNSMLTCSGVFKVWNPID
ANTTEVWTYAIVEKDMPEDLKRRLADSVQRTFGPAGFWESDDNDNMETASQNGKKYQSRDSDLLSNLGFGEDVYGDAVYP
GVVGKSAIGETSYRGFYRAYQAHVSSSNWAEFEHASSTWHTELTKTTDR
;
A
2 'polypeptide(L)'
;MMINIQEDKLVSAHDAEEILRFFNCHDSALQQEATTLLTQEAHLLDIQAYRAWLEHCVGSEVQYQVISRELRAASERRYK
LNEAMNVYNENFQQLKVRVEHQLDPQNWGNSPKLRFTRFITNVQAAMDVNDKELLHIRSNVILHRARRGNQVDVFYAARE
DKWKRGEGGVRKLVQRFVDYPERILQTHNLMVFL
;
B
#
loop_
_chem_comp.id
_chem_comp.type
_chem_comp.name
_chem_comp.formula
FE non-polymer 'FE (III) ION' 'Fe 3'
FES non-polymer 'FE2/S2 (INORGANIC) CLUSTER' 'Fe2 S2'
NO non-polymer 'NITRIC OXIDE' 'N O'
SO4 non-polymer 'SULFATE ION' 'O4 S -2'
#
# COMPACT_ATOMS: atom_id res chain seq x y z
N MET A 1 31.66 -9.15 -3.82
CA MET A 1 31.54 -8.01 -4.79
C MET A 1 32.04 -6.70 -4.17
N ASN A 2 33.09 -6.11 -4.74
CA ASN A 2 33.52 -4.75 -4.43
C ASN A 2 32.55 -3.63 -4.89
N TYR A 3 31.73 -3.11 -3.97
CA TYR A 3 30.72 -2.09 -4.34
C TYR A 3 31.32 -0.71 -4.64
N ASN A 4 32.62 -0.55 -4.37
CA ASN A 4 33.34 0.68 -4.73
C ASN A 4 33.61 0.71 -6.22
N ASN A 5 33.93 -0.45 -6.78
CA ASN A 5 34.31 -0.56 -8.20
C ASN A 5 33.22 -1.12 -9.13
N LYS A 6 32.40 -2.05 -8.63
CA LYS A 6 31.41 -2.69 -9.49
C LYS A 6 30.44 -1.70 -10.12
N ILE A 7 30.37 -1.70 -11.45
CA ILE A 7 29.41 -0.86 -12.13
C ILE A 7 28.05 -1.57 -12.13
N LEU A 8 27.19 -1.22 -11.19
CA LEU A 8 25.85 -1.81 -11.16
C LEU A 8 24.90 -0.98 -12.01
N VAL A 9 25.18 0.32 -12.15
CA VAL A 9 24.38 1.20 -12.99
C VAL A 9 25.31 1.93 -13.97
N SER A 10 25.10 1.79 -15.27
CA SER A 10 25.97 2.43 -16.25
C SER A 10 25.85 3.99 -16.19
N GLU A 11 26.78 4.67 -16.88
CA GLU A 11 26.80 6.14 -16.88
C GLU A 11 25.45 6.68 -17.34
N SER A 12 24.98 7.73 -16.67
CA SER A 12 23.70 8.38 -17.02
C SER A 12 22.48 7.50 -16.70
N GLY A 13 22.71 6.46 -15.89
CA GLY A 13 21.65 5.57 -15.48
C GLY A 13 20.99 4.85 -16.65
N LEU A 14 21.71 4.69 -17.75
CA LEU A 14 21.14 4.06 -18.96
C LEU A 14 20.73 2.59 -18.82
N SER A 15 21.47 1.85 -17.99
CA SER A 15 21.22 0.43 -17.78
C SER A 15 21.57 0.00 -16.36
N GLN A 16 20.94 -1.08 -15.88
CA GLN A 16 21.29 -1.67 -14.57
C GLN A 16 21.50 -3.19 -14.73
N LYS A 17 22.41 -3.76 -13.95
CA LYS A 17 22.64 -5.20 -13.97
C LYS A 17 21.45 -5.91 -13.32
N HIS A 18 20.89 -6.87 -14.04
CA HIS A 18 19.69 -7.58 -13.59
C HIS A 18 19.85 -8.15 -12.17
N LEU A 19 21.07 -8.51 -11.78
CA LEU A 19 21.32 -9.04 -10.44
C LEU A 19 20.89 -8.12 -9.29
N ILE A 20 20.73 -6.81 -9.54
CA ILE A 20 20.35 -5.92 -8.44
C ILE A 20 18.98 -6.31 -7.85
N HIS A 21 18.15 -6.99 -8.64
CA HIS A 21 16.82 -7.38 -8.19
C HIS A 21 16.84 -8.75 -7.52
N GLY A 22 18.01 -9.40 -7.48
CA GLY A 22 18.10 -10.76 -6.98
C GLY A 22 19.22 -11.08 -5.99
N ASP A 23 20.29 -10.30 -6.00
CA ASP A 23 21.46 -10.62 -5.18
C ASP A 23 21.26 -10.36 -3.68
N GLU A 24 21.38 -11.39 -2.85
CA GLU A 24 21.16 -11.25 -1.40
C GLU A 24 22.29 -10.47 -0.72
N GLU A 25 23.52 -10.64 -1.20
CA GLU A 25 24.63 -9.90 -0.65
C GLU A 25 24.38 -8.39 -0.90
N LEU A 26 23.96 -8.02 -2.11
CA LEU A 26 23.68 -6.61 -2.41
C LEU A 26 22.52 -6.12 -1.53
N PHE A 27 21.51 -6.95 -1.33
CA PHE A 27 20.39 -6.61 -0.44
C PHE A 27 20.96 -6.25 0.92
N GLN A 28 21.86 -7.07 1.45
CA GLN A 28 22.46 -6.82 2.78
C GLN A 28 23.20 -5.48 2.79
N HIS A 29 23.95 -5.21 1.72
CA HIS A 29 24.68 -3.96 1.53
C HIS A 29 23.73 -2.75 1.39
N GLU A 30 22.52 -2.98 0.86
CA GLU A 30 21.52 -1.90 0.76
C GLU A 30 20.99 -1.54 2.15
N LEU A 31 20.88 -2.54 3.02
CA LEU A 31 20.40 -2.25 4.37
C LEU A 31 21.25 -1.11 4.93
N LYS A 32 22.57 -1.20 4.72
CA LYS A 32 23.54 -0.22 5.20
C LYS A 32 23.55 1.08 4.39
N THR A 33 23.69 0.98 3.07
CA THR A 33 23.89 2.15 2.23
C THR A 33 22.64 2.82 1.62
N ILE A 34 21.50 2.14 1.64
CA ILE A 34 20.25 2.74 1.20
C ILE A 34 19.34 3.01 2.40
N PHE A 35 18.95 1.95 3.11
CA PHE A 35 17.97 2.08 4.19
C PHE A 35 18.42 2.74 5.48
N ALA A 36 19.67 2.54 5.89
CA ALA A 36 20.20 3.19 7.09
C ALA A 36 20.66 4.63 6.85
N ARG A 37 20.75 5.03 5.59
CA ARG A 37 21.31 6.35 5.22
C ARG A 37 20.26 7.35 4.73
N ASN A 38 19.15 6.85 4.21
CA ASN A 38 18.16 7.70 3.55
C ASN A 38 16.86 7.91 4.35
N TRP A 39 16.00 8.78 3.82
CA TRP A 39 14.74 9.10 4.48
C TRP A 39 13.66 8.05 4.15
N LEU A 40 12.93 7.59 5.16
CA LEU A 40 11.96 6.52 5.00
C LEU A 40 10.62 6.92 5.62
N PHE A 41 9.54 6.59 4.94
CA PHE A 41 8.23 6.95 5.43
C PHE A 41 7.78 6.16 6.67
N LEU A 42 7.29 6.90 7.66
CA LEU A 42 6.86 6.33 8.93
C LEU A 42 5.34 6.37 9.07
N THR A 43 4.78 7.57 9.08
CA THR A 43 3.36 7.72 9.27
C THR A 43 2.92 9.10 8.91
N HIS A 44 1.66 9.40 9.20
CA HIS A 44 1.08 10.72 9.00
C HIS A 44 0.48 11.27 10.30
N ASP A 45 0.59 12.58 10.50
CA ASP A 45 -0.04 13.25 11.66
C ASP A 45 -1.47 12.77 11.92
N SER A 46 -2.24 12.55 10.86
CA SER A 46 -3.63 12.12 10.99
C SER A 46 -3.76 10.71 11.59
N LEU A 47 -2.65 9.99 11.66
CA LEU A 47 -2.67 8.65 12.21
C LEU A 47 -2.27 8.66 13.69
N ILE A 48 -1.45 9.63 14.11
CA ILE A 48 -1.13 9.78 15.53
C ILE A 48 -1.29 11.24 15.99
N PRO A 49 -2.50 11.78 15.95
CA PRO A 49 -2.70 13.20 16.27
C PRO A 49 -2.66 13.57 17.74
N ALA A 50 -2.99 12.67 18.63
CA ALA A 50 -3.05 13.00 20.06
C ALA A 50 -1.82 12.50 20.83
N PRO A 51 -1.48 13.19 21.91
CA PRO A 51 -0.37 12.76 22.75
C PRO A 51 -0.53 11.30 23.21
N GLY A 52 0.53 10.50 23.09
CA GLY A 52 0.49 9.09 23.44
C GLY A 52 0.05 8.20 22.29
N ASP A 53 -0.46 8.78 21.21
CA ASP A 53 -0.79 7.97 20.05
C ASP A 53 0.50 7.41 19.46
N TYR A 54 0.48 6.15 19.05
CA TYR A 54 1.66 5.56 18.42
C TYR A 54 1.24 4.60 17.32
N VAL A 55 2.16 4.36 16.38
CA VAL A 55 2.02 3.29 15.39
C VAL A 55 3.36 2.58 15.35
N THR A 56 3.39 1.35 14.86
CA THR A 56 4.69 0.72 14.58
C THR A 56 4.87 0.88 13.09
N ALA A 57 6.11 0.89 12.64
CA ALA A 57 6.43 1.05 11.25
C ALA A 57 7.75 0.36 10.98
N LYS A 58 7.97 -0.03 9.73
CA LYS A 58 9.25 -0.58 9.32
C LYS A 58 10.15 0.52 8.76
N MET A 59 11.45 0.38 8.96
CA MET A 59 12.47 1.24 8.42
C MET A 59 13.49 0.21 7.97
N GLY A 60 13.47 -0.13 6.68
CA GLY A 60 14.28 -1.24 6.22
C GLY A 60 13.64 -2.49 6.82
N ILE A 61 14.46 -3.37 7.37
CA ILE A 61 13.96 -4.57 8.07
C ILE A 61 13.81 -4.31 9.58
N ASP A 62 14.20 -3.11 10.02
CA ASP A 62 14.06 -2.75 11.41
C ASP A 62 12.62 -2.33 11.69
N GLU A 63 12.16 -2.56 12.91
CA GLU A 63 10.84 -2.10 13.27
C GLU A 63 10.98 -1.00 14.33
N VAL A 64 10.22 0.09 14.17
CA VAL A 64 10.27 1.20 15.12
C VAL A 64 8.88 1.55 15.64
N ILE A 65 8.86 2.16 16.84
CA ILE A 65 7.64 2.70 17.45
C ILE A 65 7.68 4.21 17.19
N VAL A 66 6.60 4.75 16.64
CA VAL A 66 6.55 6.17 16.29
C VAL A 66 5.48 6.81 17.18
N SER A 67 5.90 7.68 18.09
CA SER A 67 5.01 8.18 19.12
C SER A 67 4.92 9.70 19.26
N ARG A 68 3.68 10.17 19.38
CA ARG A 68 3.41 11.58 19.59
C ARG A 68 3.74 11.93 21.04
N GLN A 69 4.67 12.85 21.23
CA GLN A 69 5.06 13.30 22.57
C GLN A 69 4.07 14.33 23.11
N ASN A 70 4.10 14.54 24.42
CA ASN A 70 3.28 15.56 25.09
C ASN A 70 3.49 16.99 24.53
N ASP A 71 4.71 17.33 24.14
CA ASP A 71 5.00 18.66 23.59
C ASP A 71 4.56 18.80 22.12
N GLY A 72 3.92 17.77 21.59
CA GLY A 72 3.42 17.81 20.22
C GLY A 72 4.40 17.31 19.18
N SER A 73 5.64 17.04 19.57
CA SER A 73 6.60 16.54 18.62
C SER A 73 6.43 15.02 18.44
N ILE A 74 7.18 14.45 17.49
CA ILE A 74 7.15 13.02 17.28
C ILE A 74 8.55 12.45 17.42
N ARG A 75 8.68 11.39 18.20
CA ARG A 75 9.96 10.69 18.32
C ARG A 75 9.74 9.22 17.93
N ALA A 76 10.79 8.58 17.43
CA ALA A 76 10.68 7.20 16.99
C ALA A 76 11.82 6.37 17.57
N PHE A 77 11.49 5.16 18.01
CA PHE A 77 12.45 4.28 18.67
C PHE A 77 12.43 2.85 18.15
N LEU A 78 13.58 2.18 18.22
CA LEU A 78 13.69 0.78 17.86
C LEU A 78 12.72 0.00 18.75
N ASN A 79 11.94 -0.89 18.16
CA ASN A 79 10.94 -1.65 18.91
C ASN A 79 11.61 -2.84 19.57
N VAL A 80 12.62 -2.55 20.40
CA VAL A 80 13.44 -3.57 20.98
C VAL A 80 13.81 -3.24 22.43
N CYS A 81 13.53 -4.15 23.36
CA CYS A 81 13.87 -3.91 24.77
C CYS A 81 15.39 -3.86 24.97
N ARG A 82 15.84 -2.87 25.75
CA ARG A 82 17.27 -2.66 26.07
C ARG A 82 17.90 -3.72 27.00
N HIS A 83 17.10 -4.56 27.63
CA HIS A 83 17.61 -5.62 28.51
C HIS A 83 18.07 -6.84 27.68
N ARG A 84 17.14 -7.76 27.35
CA ARG A 84 17.50 -8.94 26.54
C ARG A 84 16.94 -8.95 25.10
N GLY A 85 16.49 -7.81 24.59
CA GLY A 85 16.19 -7.69 23.16
C GLY A 85 14.87 -8.20 22.59
N LYS A 86 13.91 -8.43 23.48
CA LYS A 86 12.57 -8.82 23.08
C LYS A 86 11.93 -7.65 22.33
N THR A 87 10.95 -7.96 21.49
CA THR A 87 10.19 -6.96 20.76
C THR A 87 9.24 -6.34 21.76
N LEU A 88 9.27 -5.02 21.86
CA LEU A 88 8.53 -4.34 22.91
C LEU A 88 7.01 -4.25 22.67
N VAL A 89 6.61 -3.79 21.49
CA VAL A 89 5.20 -3.59 21.17
C VAL A 89 4.73 -4.56 20.09
N SER A 90 3.63 -5.26 20.34
CA SER A 90 3.16 -6.30 19.41
C SER A 90 1.92 -5.90 18.59
N VAL A 91 1.50 -4.64 18.70
CA VAL A 91 0.35 -4.15 17.95
C VAL A 91 0.78 -3.11 16.90
N GLU A 92 -0.13 -2.70 16.03
CA GLU A 92 0.18 -1.79 14.93
C GLU A 92 -0.11 -0.32 15.28
N ALA A 93 -0.97 -0.11 16.27
CA ALA A 93 -1.35 1.23 16.68
C ALA A 93 -2.08 1.21 18.02
N GLY A 94 -2.10 2.36 18.69
CA GLY A 94 -2.80 2.51 19.95
C GLY A 94 -2.43 3.83 20.62
N ASN A 95 -2.77 3.95 21.90
CA ASN A 95 -2.44 5.14 22.69
C ASN A 95 -1.94 4.74 24.07
N ALA A 96 -0.83 5.30 24.49
CA ALA A 96 -0.28 4.94 25.78
C ALA A 96 0.78 5.94 26.22
N LYS A 97 1.01 6.04 27.53
CA LYS A 97 2.09 6.90 28.04
C LYS A 97 3.42 6.17 28.13
N GLY A 98 3.39 4.85 27.98
CA GLY A 98 4.60 4.07 28.01
C GLY A 98 4.38 2.66 27.52
N PHE A 99 5.47 1.91 27.49
CA PHE A 99 5.45 0.54 27.03
C PHE A 99 6.22 -0.35 27.98
N VAL A 100 5.58 -1.44 28.39
CA VAL A 100 6.16 -2.37 29.32
C VAL A 100 6.54 -3.67 28.61
N CYS A 101 7.76 -4.13 28.81
CA CYS A 101 8.24 -5.38 28.20
C CYS A 101 7.68 -6.58 28.94
N SER A 102 7.06 -7.49 28.21
CA SER A 102 6.42 -8.64 28.82
C SER A 102 7.39 -9.76 29.22
N TYR A 103 8.70 -9.59 28.95
CA TYR A 103 9.69 -10.58 29.36
C TYR A 103 10.03 -10.42 30.86
N HIS A 104 10.69 -9.31 31.24
CA HIS A 104 11.00 -9.06 32.65
C HIS A 104 10.33 -7.79 33.22
N GLY A 105 9.41 -7.16 32.51
CA GLY A 105 8.69 -6.03 33.08
C GLY A 105 9.30 -4.64 33.07
N TRP A 106 10.41 -4.42 32.38
CA TRP A 106 11.01 -3.09 32.29
C TRP A 106 9.96 -2.16 31.65
N GLY A 107 9.86 -0.94 32.19
CA GLY A 107 8.89 0.04 31.73
C GLY A 107 9.54 1.24 31.07
N PHE A 108 9.23 1.43 29.79
CA PHE A 108 9.73 2.54 29.01
C PHE A 108 8.61 3.57 28.80
N GLY A 109 8.99 4.84 28.75
CA GLY A 109 8.03 5.89 28.51
C GLY A 109 7.86 6.09 27.03
N SER A 110 6.83 6.84 26.65
CA SER A 110 6.63 7.20 25.24
C SER A 110 7.78 8.05 24.71
N ASN A 111 8.62 8.55 25.61
CA ASN A 111 9.80 9.31 25.22
C ASN A 111 11.04 8.42 25.20
N GLY A 112 10.82 7.12 25.29
CA GLY A 112 11.89 6.16 25.17
C GLY A 112 12.74 5.96 26.41
N GLU A 113 12.49 6.75 27.44
CA GLU A 113 13.29 6.68 28.67
C GLU A 113 12.95 5.42 29.49
N LEU A 114 13.97 4.81 30.08
CA LEU A 114 13.74 3.67 30.97
C LEU A 114 13.18 4.26 32.26
N GLN A 115 11.90 4.07 32.51
CA GLN A 115 11.24 4.69 33.66
C GLN A 115 11.23 3.84 34.92
N SER A 116 11.02 2.54 34.77
CA SER A 116 10.89 1.68 35.92
C SER A 116 11.42 0.29 35.63
N VAL A 117 11.97 -0.31 36.66
CA VAL A 117 12.52 -1.65 36.56
C VAL A 117 12.03 -2.37 37.81
N PRO A 118 11.30 -3.47 37.63
CA PRO A 118 10.69 -4.16 38.77
C PRO A 118 11.67 -4.49 39.88
N PHE A 119 11.38 -3.95 41.06
CA PHE A 119 12.14 -4.22 42.27
C PHE A 119 13.56 -3.84 42.07
N GLU A 120 13.70 -2.65 41.49
CA GLU A 120 14.96 -2.06 41.17
C GLU A 120 15.84 -1.90 42.41
N LYS A 121 15.27 -1.34 43.47
CA LYS A 121 16.03 -1.09 44.71
C LYS A 121 16.59 -2.39 45.28
N ASP A 122 15.77 -3.43 45.40
CA ASP A 122 16.20 -4.70 45.98
C ASP A 122 17.19 -5.50 45.09
N LEU A 123 17.12 -5.33 43.77
CA LEU A 123 17.93 -6.15 42.84
C LEU A 123 19.15 -5.44 42.29
N TYR A 124 18.95 -4.22 41.80
CA TYR A 124 20.03 -3.44 41.23
C TYR A 124 20.61 -2.45 42.22
N GLY A 125 19.87 -2.20 43.30
CA GLY A 125 20.29 -1.21 44.28
C GLY A 125 20.36 0.13 43.58
N GLU A 126 21.59 0.66 43.45
CA GLU A 126 21.84 1.91 42.76
C GLU A 126 22.70 1.71 41.49
N SER A 127 23.10 0.47 41.23
CA SER A 127 24.04 0.15 40.14
C SER A 127 23.55 0.47 38.73
N LEU A 128 22.23 0.38 38.52
CA LEU A 128 21.65 0.55 37.18
C LEU A 128 21.53 2.02 36.75
N ASN A 129 22.31 2.39 35.72
CA ASN A 129 22.28 3.73 35.13
C ASN A 129 21.18 3.84 34.04
N LYS A 130 19.95 4.14 34.47
CA LYS A 130 18.79 4.15 33.58
C LYS A 130 18.87 5.20 32.48
N LYS A 131 19.53 6.31 32.77
CA LYS A 131 19.70 7.38 31.81
C LYS A 131 20.38 6.88 30.54
N CYS A 132 21.19 5.84 30.67
CA CYS A 132 21.91 5.28 29.53
C CYS A 132 21.17 4.12 28.89
N LEU A 133 20.01 3.77 29.44
CA LEU A 133 19.28 2.59 29.00
C LEU A 133 17.93 2.90 28.37
N GLY A 134 17.83 4.04 27.69
CA GLY A 134 16.62 4.36 26.98
C GLY A 134 16.64 3.63 25.65
N LEU A 135 15.47 3.49 25.04
CA LEU A 135 15.32 2.84 23.74
C LEU A 135 16.20 3.50 22.69
N LYS A 136 16.83 2.69 21.84
CA LYS A 136 17.66 3.21 20.76
C LYS A 136 16.76 4.11 19.90
N GLU A 137 17.16 5.37 19.73
CA GLU A 137 16.30 6.36 19.04
C GLU A 137 16.70 6.65 17.61
N VAL A 138 15.70 6.86 16.77
CA VAL A 138 15.93 7.24 15.38
C VAL A 138 16.44 8.67 15.41
N ALA A 139 17.64 8.90 14.88
CA ALA A 139 18.29 10.21 14.93
C ALA A 139 17.47 11.35 14.34
N ARG A 140 16.93 11.15 13.14
CA ARG A 140 16.21 12.21 12.43
C ARG A 140 14.77 11.81 12.10
N VAL A 141 13.84 12.69 12.48
CA VAL A 141 12.42 12.55 12.22
C VAL A 141 11.90 13.91 11.76
N GLU A 142 11.43 14.00 10.52
CA GLU A 142 11.00 15.27 9.93
C GLU A 142 9.66 15.15 9.19
N SER A 143 9.02 16.28 8.96
CA SER A 143 7.70 16.30 8.36
C SER A 143 7.64 17.07 7.06
N PHE A 144 6.82 16.55 6.14
CA PHE A 144 6.54 17.22 4.90
C PHE A 144 5.04 17.35 4.80
N HIS A 145 4.53 18.48 5.26
CA HIS A 145 3.09 18.76 5.25
C HIS A 145 2.26 17.62 5.87
N GLY A 146 2.70 17.16 7.03
CA GLY A 146 2.00 16.14 7.80
C GLY A 146 2.54 14.73 7.58
N PHE A 147 3.32 14.54 6.52
CA PHE A 147 3.85 13.22 6.23
C PHE A 147 5.19 13.07 6.96
N ILE A 148 5.28 12.03 7.78
CA ILE A 148 6.42 11.87 8.67
C ILE A 148 7.41 10.85 8.17
N TYR A 149 8.67 11.28 8.02
CA TYR A 149 9.76 10.44 7.56
C TYR A 149 10.85 10.34 8.64
N GLY A 150 11.55 9.21 8.66
CA GLY A 150 12.60 8.99 9.61
C GLY A 150 13.90 8.68 8.90
N CYS A 151 15.02 8.97 9.55
CA CYS A 151 16.34 8.64 9.01
C CYS A 151 17.28 8.29 10.15
N PHE A 152 17.94 7.14 10.02
CA PHE A 152 18.90 6.66 11.01
C PHE A 152 20.23 7.43 10.98
N ASP A 153 20.50 8.14 9.89
CA ASP A 153 21.78 8.83 9.71
C ASP A 153 21.67 10.32 10.01
N GLN A 154 22.40 10.77 11.02
CA GLN A 154 22.44 12.17 11.45
C GLN A 154 23.03 13.11 10.39
N GLU A 155 23.86 12.59 9.50
CA GLU A 155 24.55 13.43 8.52
C GLU A 155 23.70 13.74 7.30
N ALA A 156 22.50 13.19 7.23
CA ALA A 156 21.63 13.38 6.06
C ALA A 156 21.20 14.83 5.89
N PRO A 157 20.82 15.18 4.66
CA PRO A 157 20.20 16.48 4.41
C PRO A 157 18.84 16.55 5.06
N PRO A 158 18.39 17.76 5.38
CA PRO A 158 17.03 17.93 5.84
C PRO A 158 16.09 17.35 4.77
N LEU A 159 14.93 16.85 5.19
CA LEU A 159 13.96 16.22 4.30
C LEU A 159 13.63 17.07 3.07
N MET A 160 13.35 18.36 3.28
CA MET A 160 13.04 19.30 2.18
C MET A 160 14.12 19.32 1.10
N ASP A 161 15.38 19.44 1.52
CA ASP A 161 16.47 19.44 0.54
C ASP A 161 16.61 18.07 -0.13
N TYR A 162 16.36 17.02 0.64
CA TYR A 162 16.40 15.65 0.15
C TYR A 162 15.41 15.46 -0.98
N LEU A 163 14.23 16.06 -0.86
CA LEU A 163 13.21 16.01 -1.90
C LEU A 163 13.66 16.77 -3.15
N GLY A 164 14.59 17.71 -2.96
CA GLY A 164 15.14 18.51 -4.04
C GLY A 164 14.09 19.09 -4.96
N ASP A 165 14.30 18.91 -6.27
CA ASP A 165 13.41 19.45 -7.30
C ASP A 165 12.01 18.83 -7.37
N ALA A 166 11.85 17.63 -6.81
CA ALA A 166 10.54 16.99 -6.75
C ALA A 166 9.57 17.75 -5.83
N ALA A 167 10.11 18.49 -4.85
CA ALA A 167 9.26 19.20 -3.89
C ALA A 167 8.30 20.14 -4.58
N TRP A 168 8.79 20.85 -5.59
CA TRP A 168 8.02 21.85 -6.30
C TRP A 168 6.75 21.24 -6.91
N TYR A 169 6.90 20.03 -7.44
CA TYR A 169 5.81 19.30 -8.07
C TYR A 169 4.76 18.85 -7.06
N LEU A 170 5.22 18.44 -5.87
CA LEU A 170 4.29 17.92 -4.85
C LEU A 170 3.55 19.01 -4.08
N GLU A 171 4.17 20.17 -3.95
CA GLU A 171 3.63 21.26 -3.13
C GLU A 171 2.17 21.66 -3.38
N PRO A 172 1.76 21.78 -4.63
CA PRO A 172 0.37 22.19 -4.90
C PRO A 172 -0.64 21.26 -4.21
N MET A 173 -0.45 19.95 -4.35
CA MET A 173 -1.32 18.99 -3.69
C MET A 173 -0.99 18.88 -2.18
N PHE A 174 0.29 18.82 -1.82
CA PHE A 174 0.64 18.56 -0.42
C PHE A 174 0.49 19.79 0.46
N LYS A 175 0.72 20.97 -0.11
CA LYS A 175 0.66 22.20 0.67
C LYS A 175 -0.52 23.09 0.29
N HIS A 176 -0.60 23.50 -0.96
CA HIS A 176 -1.61 24.49 -1.35
C HIS A 176 -3.07 24.04 -1.37
N SER A 177 -3.32 22.73 -1.38
CA SER A 177 -4.69 22.23 -1.39
C SER A 177 -5.36 22.42 -0.05
N GLY A 178 -4.62 22.88 0.95
CA GLY A 178 -5.16 23.03 2.27
C GLY A 178 -4.77 21.83 3.11
N GLY A 179 -4.02 20.91 2.53
CA GLY A 179 -3.53 19.76 3.28
C GLY A 179 -4.15 18.41 2.95
N LEU A 180 -3.31 17.38 3.04
CA LEU A 180 -3.74 16.01 2.83
C LEU A 180 -3.80 15.25 4.13
N GLU A 181 -4.62 14.21 4.14
CA GLU A 181 -4.63 13.25 5.23
C GLU A 181 -4.48 11.83 4.70
N LEU A 182 -3.96 10.99 5.57
CA LEU A 182 -3.72 9.61 5.27
C LEU A 182 -4.82 8.81 5.92
N VAL A 183 -5.50 7.99 5.14
CA VAL A 183 -6.59 7.19 5.69
C VAL A 183 -6.03 5.82 5.94
N GLY A 184 -6.05 5.37 7.19
CA GLY A 184 -5.61 4.03 7.56
C GLY A 184 -6.81 3.19 7.96
N PRO A 185 -6.57 1.97 8.41
CA PRO A 185 -5.23 1.39 8.47
C PRO A 185 -4.85 0.97 7.06
N PRO A 186 -3.61 0.62 6.85
CA PRO A 186 -3.20 0.21 5.51
C PRO A 186 -3.42 -1.27 5.24
N GLY A 187 -3.55 -1.57 3.96
CA GLY A 187 -3.55 -2.94 3.49
C GLY A 187 -2.11 -3.40 3.52
N LYS A 188 -1.92 -4.67 3.86
CA LYS A 188 -0.60 -5.24 3.98
C LYS A 188 -0.52 -6.58 3.27
N VAL A 189 0.34 -6.67 2.25
CA VAL A 189 0.50 -7.87 1.45
C VAL A 189 1.96 -8.16 1.14
N VAL A 190 2.35 -9.41 1.14
CA VAL A 190 3.71 -9.78 0.78
C VAL A 190 3.73 -10.20 -0.70
N ILE A 191 4.60 -9.57 -1.50
CA ILE A 191 4.81 -10.00 -2.89
C ILE A 191 6.22 -10.56 -3.04
N LYS A 192 6.41 -11.47 -3.98
CA LYS A 192 7.72 -12.07 -4.18
C LYS A 192 8.52 -11.28 -5.19
N ALA A 193 8.83 -10.05 -4.82
CA ALA A 193 9.57 -9.16 -5.68
C ALA A 193 10.53 -8.32 -4.88
N ASN A 194 11.54 -7.81 -5.56
CA ASN A 194 12.50 -6.89 -4.97
C ASN A 194 11.82 -5.55 -4.77
N TRP A 195 12.11 -4.88 -3.67
CA TRP A 195 11.52 -3.57 -3.41
C TRP A 195 11.73 -2.57 -4.55
N LYS A 196 12.82 -2.70 -5.31
CA LYS A 196 13.12 -1.75 -6.38
C LYS A 196 12.17 -1.89 -7.57
N ALA A 197 11.54 -3.06 -7.69
CA ALA A 197 10.69 -3.31 -8.86
C ALA A 197 9.47 -2.39 -8.84
N PRO A 198 8.67 -2.41 -7.77
CA PRO A 198 7.54 -1.49 -7.70
C PRO A 198 8.01 -0.03 -7.53
N ALA A 199 9.16 0.19 -6.88
CA ALA A 199 9.69 1.55 -6.71
C ALA A 199 9.97 2.18 -8.08
N GLU A 200 10.61 1.43 -8.97
CA GLU A 200 10.98 1.94 -10.29
C GLU A 200 9.72 2.10 -11.16
N ASN A 201 8.74 1.22 -10.97
CA ASN A 201 7.53 1.23 -11.78
C ASN A 201 6.72 2.48 -11.46
N PHE A 202 6.59 2.81 -10.18
CA PHE A 202 5.86 4.01 -9.77
C PHE A 202 6.61 5.33 -10.07
N VAL A 203 7.94 5.30 -10.06
CA VAL A 203 8.74 6.51 -10.27
C VAL A 203 8.72 7.03 -11.68
N GLY A 204 8.62 6.17 -12.69
CA GLY A 204 8.64 6.68 -14.05
C GLY A 204 8.07 5.80 -15.13
N ASP A 205 7.16 4.90 -14.79
CA ASP A 205 6.68 3.96 -15.78
C ASP A 205 5.24 4.17 -16.25
N ALA A 206 5.05 5.12 -17.15
CA ALA A 206 3.74 5.36 -17.77
C ALA A 206 3.62 4.49 -19.02
N TYR A 207 4.76 4.00 -19.51
CA TYR A 207 4.83 3.16 -20.71
C TYR A 207 4.06 1.85 -20.54
N HIS A 208 4.06 1.30 -19.33
CA HIS A 208 3.42 0.00 -19.11
C HIS A 208 1.91 0.12 -18.95
N VAL A 209 1.41 1.32 -18.69
CA VAL A 209 -0.01 1.48 -18.33
C VAL A 209 -0.95 0.92 -19.38
N GLY A 210 -0.81 1.39 -20.61
CA GLY A 210 -1.68 0.95 -21.69
C GLY A 210 -1.70 -0.55 -21.88
N TRP A 211 -0.58 -1.21 -21.68
CA TRP A 211 -0.50 -2.64 -21.96
C TRP A 211 -0.72 -3.53 -20.73
N THR A 212 0.02 -3.29 -19.65
CA THR A 212 -0.14 -4.08 -18.44
C THR A 212 -1.57 -3.99 -17.90
N HIS A 213 -2.10 -2.78 -17.87
CA HIS A 213 -3.41 -2.51 -17.30
C HIS A 213 -4.56 -2.45 -18.32
N ALA A 214 -4.33 -3.00 -19.51
CA ALA A 214 -5.32 -3.04 -20.57
C ALA A 214 -6.70 -3.45 -20.07
N SER A 215 -6.74 -4.59 -19.38
CA SER A 215 -7.98 -5.14 -18.84
C SER A 215 -8.63 -4.23 -17.78
N SER A 216 -7.82 -3.60 -16.92
CA SER A 216 -8.36 -2.73 -15.87
C SER A 216 -8.92 -1.44 -16.46
N LEU A 217 -8.19 -0.87 -17.41
CA LEU A 217 -8.63 0.34 -18.12
C LEU A 217 -9.97 0.08 -18.80
N ARG A 218 -10.03 -0.99 -19.59
CA ARG A 218 -11.25 -1.36 -20.29
C ARG A 218 -12.42 -1.58 -19.32
N SER A 219 -12.16 -2.27 -18.21
CA SER A 219 -13.21 -2.63 -17.24
C SER A 219 -13.73 -1.49 -16.36
N GLY A 220 -12.84 -0.60 -15.91
CA GLY A 220 -13.23 0.45 -14.98
C GLY A 220 -13.91 1.70 -15.53
N GLU A 221 -13.69 2.00 -16.81
CA GLU A 221 -14.18 3.26 -17.40
C GLU A 221 -13.62 4.49 -16.63
N SER A 222 -12.33 4.42 -16.28
CA SER A 222 -11.60 5.55 -15.67
C SER A 222 -11.19 6.56 -16.76
N ILE A 223 -10.73 7.76 -16.40
CA ILE A 223 -10.38 8.79 -17.41
C ILE A 223 -9.27 8.39 -18.39
N PHE A 224 -8.62 7.26 -18.15
CA PHE A 224 -7.58 6.83 -19.07
C PHE A 224 -8.02 5.61 -19.85
N SER A 225 -9.32 5.32 -19.84
CA SER A 225 -9.88 4.11 -20.51
C SER A 225 -9.32 3.95 -21.93
N SER A 226 -9.49 4.98 -22.77
CA SER A 226 -8.84 4.93 -24.07
C SER A 226 -7.39 4.80 -23.63
N LEU A 227 -6.56 4.02 -24.31
CA LEU A 227 -5.16 3.77 -23.93
C LEU A 227 -5.10 2.26 -23.69
N ALA A 228 -6.24 1.64 -23.37
CA ALA A 228 -6.35 0.19 -23.16
C ALA A 228 -5.86 -0.58 -24.38
N GLY A 229 -4.93 -1.50 -24.15
CA GLY A 229 -4.36 -2.28 -25.24
C GLY A 229 -3.46 -1.45 -26.12
N ASN A 230 -3.04 -0.29 -25.60
CA ASN A 230 -2.24 0.65 -26.39
C ASN A 230 -3.01 1.03 -27.65
N ALA A 231 -4.33 1.19 -27.48
CA ALA A 231 -5.21 1.49 -28.60
C ALA A 231 -4.97 2.92 -29.11
N ALA A 232 -4.61 3.81 -28.19
CA ALA A 232 -4.33 5.19 -28.54
C ALA A 232 -3.07 5.64 -27.81
N LEU A 233 -2.29 6.51 -28.45
CA LEU A 233 -1.13 7.11 -27.80
C LEU A 233 -1.56 8.47 -27.28
N PRO A 234 -1.26 8.79 -26.02
CA PRO A 234 -1.62 10.11 -25.48
C PRO A 234 -1.05 11.22 -26.35
N PRO A 235 -1.80 12.31 -26.45
CA PRO A 235 -1.45 13.44 -27.31
C PRO A 235 -0.13 14.12 -26.95
N GLU A 236 0.40 14.87 -27.91
CA GLU A 236 1.61 15.65 -27.69
C GLU A 236 1.33 16.59 -26.52
N GLY A 237 2.28 16.67 -25.59
CA GLY A 237 2.11 17.53 -24.42
C GLY A 237 1.14 16.99 -23.39
N ALA A 238 0.90 15.67 -23.41
CA ALA A 238 0.01 15.04 -22.42
C ALA A 238 0.61 15.05 -21.02
N GLY A 239 1.94 15.22 -20.95
CA GLY A 239 2.61 15.36 -19.68
C GLY A 239 4.11 15.40 -19.74
N LEU A 240 4.72 15.12 -18.58
CA LEU A 240 6.18 15.14 -18.50
C LEU A 240 6.75 14.18 -17.46
N GLN A 241 8.08 14.13 -17.40
CA GLN A 241 8.79 13.31 -16.44
C GLN A 241 9.85 14.17 -15.80
N MET A 242 10.03 14.00 -14.50
CA MET A 242 11.13 14.68 -13.82
C MET A 242 11.86 13.77 -12.83
N THR A 243 13.10 14.13 -12.54
CA THR A 243 13.88 13.43 -11.54
C THR A 243 14.79 14.43 -10.82
N SER A 244 15.50 13.99 -9.80
CA SER A 244 16.19 14.91 -8.93
C SER A 244 17.48 14.34 -8.37
N LYS A 245 18.28 15.22 -7.79
CA LYS A 245 19.61 14.86 -7.30
C LYS A 245 19.65 13.67 -6.30
N TYR A 246 18.71 13.60 -5.36
CA TYR A 246 18.73 12.54 -4.35
C TYR A 246 17.85 11.34 -4.72
N GLY A 247 17.41 11.27 -5.97
CA GLY A 247 16.72 10.10 -6.49
C GLY A 247 15.21 10.12 -6.68
N SER A 248 14.52 10.99 -5.96
CA SER A 248 13.07 11.07 -6.09
C SER A 248 12.73 11.61 -7.48
N GLY A 249 11.56 11.22 -7.99
CA GLY A 249 11.16 11.59 -9.33
C GLY A 249 9.71 11.27 -9.53
N MET A 250 9.14 11.67 -10.67
CA MET A 250 7.73 11.41 -10.93
C MET A 250 7.35 11.69 -12.37
N GLY A 251 6.22 11.10 -12.76
CA GLY A 251 5.63 11.31 -14.06
C GLY A 251 4.47 12.25 -13.80
N VAL A 252 4.17 13.12 -14.75
CA VAL A 252 3.05 14.06 -14.64
C VAL A 252 2.17 13.86 -15.86
N LEU A 253 0.90 13.59 -15.61
CA LEU A 253 -0.09 13.40 -16.67
C LEU A 253 -1.08 14.52 -16.54
N TRP A 254 -1.02 15.48 -17.46
CA TRP A 254 -1.86 16.68 -17.32
C TRP A 254 -3.37 16.39 -17.11
N ASP A 255 -3.96 17.10 -16.13
CA ASP A 255 -5.40 17.11 -15.78
C ASP A 255 -6.10 15.84 -15.23
N GLY A 256 -5.39 14.75 -15.08
CA GLY A 256 -6.00 13.49 -14.67
C GLY A 256 -6.37 13.34 -13.20
N TYR A 257 -7.17 14.29 -12.70
CA TYR A 257 -7.58 14.35 -11.29
C TYR A 257 -8.41 13.17 -10.76
N SER A 258 -9.22 12.55 -11.62
CA SER A 258 -10.02 11.39 -11.23
C SER A 258 -9.16 10.12 -11.28
N GLY A 259 -7.99 10.23 -11.91
CA GLY A 259 -7.00 9.15 -11.94
C GLY A 259 -7.55 7.77 -12.26
N VAL A 260 -7.17 6.78 -11.46
CA VAL A 260 -7.57 5.39 -11.71
C VAL A 260 -9.03 5.10 -11.35
N HIS A 261 -9.71 6.04 -10.71
CA HIS A 261 -11.08 5.84 -10.25
C HIS A 261 -12.11 5.66 -11.35
N SER A 262 -13.02 4.72 -11.09
CA SER A 262 -14.04 4.29 -12.03
C SER A 262 -15.09 5.34 -12.20
N ALA A 263 -15.81 5.23 -13.30
CA ALA A 263 -16.82 6.19 -13.68
C ALA A 263 -17.68 6.68 -12.53
N ASP A 264 -17.89 5.85 -11.51
CA ASP A 264 -18.75 6.26 -10.39
C ASP A 264 -18.23 7.48 -9.59
N LEU A 265 -16.93 7.76 -9.71
CA LEU A 265 -16.33 8.89 -8.99
C LEU A 265 -15.83 10.06 -9.85
N VAL A 266 -15.71 9.83 -11.16
CA VAL A 266 -15.12 10.80 -12.09
C VAL A 266 -15.80 12.19 -12.09
N PRO A 267 -17.12 12.24 -12.22
CA PRO A 267 -17.83 13.52 -12.20
C PRO A 267 -17.55 14.34 -10.93
N GLU A 268 -17.75 13.74 -9.77
CA GLU A 268 -17.51 14.43 -8.50
C GLU A 268 -16.07 14.92 -8.36
N LEU A 269 -15.12 14.03 -8.60
CA LEU A 269 -13.72 14.40 -8.50
C LEU A 269 -13.35 15.51 -9.47
N MET A 270 -13.71 15.32 -10.74
CA MET A 270 -13.36 16.27 -11.78
C MET A 270 -13.96 17.64 -11.49
N ALA A 271 -15.10 17.66 -10.80
CA ALA A 271 -15.74 18.89 -10.36
C ALA A 271 -14.98 19.47 -9.18
N PHE A 272 -14.65 18.61 -8.22
CA PHE A 272 -13.99 19.07 -7.01
C PHE A 272 -12.62 19.67 -7.30
N GLY A 273 -11.80 18.95 -8.05
CA GLY A 273 -10.47 19.42 -8.40
C GLY A 273 -10.45 20.68 -9.24
N GLY A 274 -11.38 20.77 -10.20
CA GLY A 274 -11.50 21.97 -11.02
C GLY A 274 -11.86 23.19 -10.19
N ALA A 275 -12.86 23.07 -9.33
CA ALA A 275 -13.24 24.15 -8.43
C ALA A 275 -11.99 24.65 -7.67
N LYS A 276 -11.18 23.75 -7.13
CA LYS A 276 -10.00 24.15 -6.35
C LYS A 276 -8.94 24.76 -7.25
N GLN A 277 -8.76 24.17 -8.43
CA GLN A 277 -7.83 24.71 -9.40
C GLN A 277 -8.17 26.17 -9.74
N GLU A 278 -9.45 26.54 -9.83
CA GLU A 278 -9.80 27.95 -10.12
C GLU A 278 -9.33 28.87 -8.99
N ARG A 279 -9.61 28.47 -7.75
CA ARG A 279 -9.16 29.26 -6.61
C ARG A 279 -7.63 29.39 -6.52
N LEU A 280 -6.93 28.33 -6.93
CA LEU A 280 -5.48 28.30 -6.78
C LEU A 280 -4.77 29.11 -7.86
N ASN A 281 -5.45 29.32 -8.99
CA ASN A 281 -4.88 30.13 -10.07
C ASN A 281 -4.32 31.48 -9.55
N LYS A 282 -5.10 32.16 -8.70
CA LYS A 282 -4.68 33.45 -8.12
C LYS A 282 -3.55 33.32 -7.11
N GLU A 283 -3.50 32.19 -6.42
CA GLU A 283 -2.54 32.03 -5.33
C GLU A 283 -1.14 31.57 -5.76
N ILE A 284 -1.06 30.58 -6.65
CA ILE A 284 0.22 30.01 -7.04
C ILE A 284 0.47 30.00 -8.54
N GLY A 285 -0.49 30.52 -9.30
CA GLY A 285 -0.34 30.61 -10.73
C GLY A 285 -1.00 29.46 -11.43
N ASP A 286 -1.21 29.63 -12.74
CA ASP A 286 -1.90 28.65 -13.57
C ASP A 286 -1.17 27.31 -13.65
N VAL A 287 0.12 27.34 -13.97
CA VAL A 287 0.90 26.11 -14.10
C VAL A 287 0.85 25.26 -12.82
N ARG A 288 1.20 25.88 -11.71
CA ARG A 288 1.23 25.18 -10.44
C ARG A 288 -0.17 24.71 -10.02
N ALA A 289 -1.18 25.53 -10.30
CA ALA A 289 -2.55 25.16 -9.96
C ALA A 289 -2.96 23.95 -10.78
N ARG A 290 -2.49 23.89 -12.02
CA ARG A 290 -2.77 22.74 -12.86
C ARG A 290 -2.08 21.46 -12.38
N ILE A 291 -0.80 21.60 -12.03
CA ILE A 291 -0.05 20.52 -11.44
C ILE A 291 -0.90 19.89 -10.30
N TYR A 292 -1.49 20.71 -9.46
CA TYR A 292 -2.35 20.24 -8.37
C TYR A 292 -3.40 19.22 -8.82
N ARG A 293 -4.14 19.56 -9.88
CA ARG A 293 -5.18 18.65 -10.38
C ARG A 293 -4.64 17.71 -11.47
N SER A 294 -3.32 17.52 -11.48
CA SER A 294 -2.67 16.62 -12.45
C SER A 294 -2.15 15.36 -11.75
N HIS A 295 -2.24 14.24 -12.45
CA HIS A 295 -1.88 12.94 -11.89
C HIS A 295 -0.38 12.75 -11.83
N LEU A 296 0.16 12.62 -10.61
CA LEU A 296 1.60 12.43 -10.39
C LEU A 296 1.90 11.01 -9.93
N ASN A 297 2.71 10.28 -10.69
CA ASN A 297 3.18 8.98 -10.24
C ASN A 297 4.62 9.20 -9.79
N CYS A 298 4.80 9.12 -8.48
CA CYS A 298 6.04 9.52 -7.84
C CYS A 298 6.58 8.49 -6.88
N THR A 299 7.91 8.45 -6.81
CA THR A 299 8.59 7.70 -5.79
C THR A 299 9.50 8.65 -5.02
N VAL A 300 9.32 8.68 -3.70
CA VAL A 300 10.23 9.37 -2.82
C VAL A 300 11.30 8.36 -2.44
N PHE A 301 12.51 8.59 -2.94
CA PHE A 301 13.61 7.69 -2.74
C PHE A 301 13.75 7.32 -1.26
N PRO A 302 13.98 6.04 -0.96
CA PRO A 302 14.04 4.97 -1.96
C PRO A 302 12.77 4.12 -2.18
N ASN A 303 11.93 3.96 -1.16
CA ASN A 303 10.85 2.96 -1.24
C ASN A 303 9.47 3.42 -0.81
N ASN A 304 9.17 4.70 -1.00
CA ASN A 304 7.85 5.24 -0.76
C ASN A 304 7.32 5.76 -2.10
N SER A 305 6.11 5.35 -2.47
CA SER A 305 5.53 5.73 -3.75
C SER A 305 4.11 6.21 -3.57
N MET A 306 3.61 6.92 -4.58
CA MET A 306 2.27 7.45 -4.54
C MET A 306 1.77 7.83 -5.92
N LEU A 307 0.45 7.85 -6.06
CA LEU A 307 -0.24 8.40 -7.22
C LEU A 307 -1.13 9.50 -6.66
N THR A 308 -0.78 10.77 -6.86
CA THR A 308 -1.68 11.82 -6.39
C THR A 308 -2.95 11.77 -7.24
N CYS A 309 -4.03 12.34 -6.73
CA CYS A 309 -5.32 12.37 -7.42
C CYS A 309 -5.99 11.00 -7.34
N SER A 310 -5.30 9.97 -7.77
CA SER A 310 -5.80 8.62 -7.55
C SER A 310 -5.82 8.40 -6.03
N GLY A 311 -4.87 9.03 -5.34
CA GLY A 311 -4.81 8.93 -3.90
C GLY A 311 -4.18 7.66 -3.36
N VAL A 312 -3.33 7.01 -4.16
CA VAL A 312 -2.68 5.77 -3.76
C VAL A 312 -1.37 6.10 -3.05
N PHE A 313 -1.14 5.54 -1.87
CA PHE A 313 0.08 5.78 -1.11
C PHE A 313 0.67 4.43 -0.68
N LYS A 314 1.92 4.17 -1.09
CA LYS A 314 2.55 2.86 -0.94
C LYS A 314 3.90 2.88 -0.20
N VAL A 315 4.12 1.85 0.61
CA VAL A 315 5.45 1.65 1.18
C VAL A 315 5.89 0.27 0.73
N TRP A 316 7.05 0.19 0.06
CA TRP A 316 7.58 -1.10 -0.37
C TRP A 316 8.61 -1.59 0.67
N ASN A 317 8.14 -2.30 1.69
CA ASN A 317 9.02 -2.72 2.79
C ASN A 317 9.88 -3.96 2.44
N PRO A 318 11.18 -3.81 2.53
CA PRO A 318 12.10 -4.89 2.16
C PRO A 318 12.17 -6.01 3.18
N ILE A 319 12.19 -7.25 2.71
CA ILE A 319 12.33 -8.46 3.53
C ILE A 319 13.61 -9.17 3.10
N ASP A 320 13.71 -9.47 1.81
CA ASP A 320 14.94 -10.00 1.21
C ASP A 320 14.89 -9.64 -0.28
N ALA A 321 15.87 -10.08 -1.06
CA ALA A 321 15.99 -9.66 -2.45
C ALA A 321 14.78 -9.97 -3.33
N ASN A 322 14.04 -11.02 -3.03
CA ASN A 322 12.83 -11.37 -3.79
C ASN A 322 11.57 -11.35 -2.89
N THR A 323 11.60 -10.62 -1.78
CA THR A 323 10.43 -10.54 -0.90
C THR A 323 10.21 -9.11 -0.45
N THR A 324 8.98 -8.61 -0.65
CA THR A 324 8.60 -7.25 -0.25
C THR A 324 7.23 -7.18 0.42
N GLU A 325 7.15 -6.45 1.53
CA GLU A 325 5.89 -6.25 2.21
C GLU A 325 5.27 -4.90 1.78
N VAL A 326 4.17 -4.97 1.04
CA VAL A 326 3.52 -3.78 0.49
C VAL A 326 2.45 -3.20 1.41
N TRP A 327 2.64 -1.95 1.82
CA TRP A 327 1.65 -1.24 2.64
C TRP A 327 0.90 -0.26 1.75
N THR A 328 -0.43 -0.26 1.81
CA THR A 328 -1.25 0.62 0.97
C THR A 328 -2.20 1.48 1.75
N TYR A 329 -2.01 2.79 1.65
CA TYR A 329 -2.91 3.72 2.30
C TYR A 329 -3.63 4.52 1.25
N ALA A 330 -4.63 5.25 1.68
CA ALA A 330 -5.33 6.18 0.83
C ALA A 330 -5.00 7.61 1.27
N ILE A 331 -4.68 8.46 0.32
CA ILE A 331 -4.49 9.87 0.63
C ILE A 331 -5.73 10.66 0.15
N VAL A 332 -6.28 11.50 1.02
CA VAL A 332 -7.42 12.37 0.68
C VAL A 332 -7.18 13.82 1.08
N GLU A 333 -7.82 14.74 0.37
CA GLU A 333 -7.74 16.17 0.70
C GLU A 333 -8.62 16.44 1.91
N LYS A 334 -8.08 17.12 2.92
CA LYS A 334 -8.81 17.33 4.17
C LYS A 334 -10.14 18.01 3.96
N ASP A 335 -10.23 18.97 3.04
CA ASP A 335 -11.49 19.70 2.86
C ASP A 335 -12.53 18.97 1.99
N MET A 336 -12.25 17.74 1.58
CA MET A 336 -13.24 16.97 0.85
C MET A 336 -14.33 16.62 1.85
N PRO A 337 -15.57 16.50 1.37
CA PRO A 337 -16.67 16.02 2.21
C PRO A 337 -16.38 14.61 2.67
N GLU A 338 -16.81 14.27 3.89
CA GLU A 338 -16.54 12.98 4.49
C GLU A 338 -16.96 11.79 3.65
N ASP A 339 -18.12 11.89 3.03
CA ASP A 339 -18.64 10.79 2.24
C ASP A 339 -17.78 10.56 1.02
N LEU A 340 -17.26 11.64 0.44
CA LEU A 340 -16.37 11.52 -0.68
C LEU A 340 -15.06 10.89 -0.18
N LYS A 341 -14.61 11.32 1.00
CA LYS A 341 -13.39 10.78 1.62
C LYS A 341 -13.43 9.25 1.80
N ARG A 342 -14.56 8.74 2.25
CA ARG A 342 -14.76 7.32 2.49
C ARG A 342 -14.81 6.53 1.18
N ARG A 343 -15.49 7.09 0.19
CA ARG A 343 -15.59 6.43 -1.11
C ARG A 343 -14.27 6.41 -1.86
N LEU A 344 -13.43 7.43 -1.66
CA LEU A 344 -12.13 7.52 -2.33
C LEU A 344 -11.20 6.48 -1.70
N ALA A 345 -11.22 6.44 -0.37
CA ALA A 345 -10.45 5.45 0.36
C ALA A 345 -10.80 4.04 -0.16
N ASP A 346 -12.09 3.69 -0.22
CA ASP A 346 -12.50 2.36 -0.71
C ASP A 346 -12.02 2.12 -2.14
N SER A 347 -12.05 3.17 -2.97
CA SER A 347 -11.70 3.03 -4.38
C SER A 347 -10.19 2.85 -4.54
N VAL A 348 -9.42 3.54 -3.71
CA VAL A 348 -7.99 3.31 -3.70
C VAL A 348 -7.71 1.83 -3.41
N GLN A 349 -8.36 1.26 -2.40
CA GLN A 349 -8.08 -0.15 -2.07
C GLN A 349 -8.66 -1.08 -3.11
N ARG A 350 -9.79 -0.67 -3.68
CA ARG A 350 -10.47 -1.44 -4.72
C ARG A 350 -9.56 -1.61 -5.94
N THR A 351 -8.74 -0.59 -6.21
CA THR A 351 -7.91 -0.59 -7.41
C THR A 351 -6.48 -1.02 -7.14
N PHE A 352 -5.93 -0.53 -6.03
CA PHE A 352 -4.53 -0.78 -5.72
C PHE A 352 -4.25 -1.44 -4.39
N GLY A 353 -5.27 -1.92 -3.70
CA GLY A 353 -5.08 -2.55 -2.39
C GLY A 353 -4.83 -4.04 -2.52
N PRO A 354 -4.96 -4.76 -1.41
CA PRO A 354 -4.69 -6.21 -1.39
C PRO A 354 -5.48 -6.98 -2.44
N ALA A 355 -6.69 -6.55 -2.73
CA ALA A 355 -7.46 -7.18 -3.79
C ALA A 355 -7.68 -6.15 -4.90
N GLY A 356 -6.72 -5.26 -5.10
CA GLY A 356 -6.82 -4.25 -6.14
C GLY A 356 -6.70 -4.85 -7.52
N PHE A 357 -7.71 -4.71 -8.36
CA PHE A 357 -7.68 -5.32 -9.68
C PHE A 357 -6.60 -4.69 -10.58
N TRP A 358 -6.19 -3.45 -10.34
CA TRP A 358 -5.08 -2.85 -11.10
C TRP A 358 -3.75 -3.42 -10.57
N GLU A 359 -3.55 -3.38 -9.26
CA GLU A 359 -2.28 -3.83 -8.68
C GLU A 359 -1.99 -5.28 -9.09
N SER A 360 -3.04 -6.09 -9.23
CA SER A 360 -2.89 -7.47 -9.64
C SER A 360 -2.30 -7.59 -11.05
N ASP A 361 -2.65 -6.67 -11.95
CA ASP A 361 -2.05 -6.66 -13.28
C ASP A 361 -0.50 -6.62 -13.20
N ASP A 362 0.02 -5.94 -12.17
CA ASP A 362 1.47 -5.73 -12.01
C ASP A 362 2.25 -6.87 -11.35
N ASN A 363 1.57 -7.72 -10.59
CA ASN A 363 2.22 -8.78 -9.81
C ASN A 363 3.25 -9.59 -10.56
N ASP A 364 2.84 -10.21 -11.67
CA ASP A 364 3.75 -11.07 -12.40
C ASP A 364 4.90 -10.28 -12.97
N ASN A 365 4.63 -9.07 -13.44
CA ASN A 365 5.69 -8.23 -13.95
C ASN A 365 6.78 -8.06 -12.88
N MET A 366 6.38 -7.72 -11.66
CA MET A 366 7.34 -7.43 -10.62
C MET A 366 8.05 -8.66 -10.13
N GLU A 367 7.28 -9.72 -9.90
CA GLU A 367 7.84 -10.93 -9.33
C GLU A 367 8.83 -11.60 -10.28
N THR A 368 8.48 -11.79 -11.55
CA THR A 368 9.40 -12.49 -12.48
C THR A 368 10.62 -11.66 -12.84
N ALA A 369 10.43 -10.37 -13.04
CA ALA A 369 11.56 -9.51 -13.32
C ALA A 369 12.55 -9.58 -12.14
N SER A 370 12.03 -9.67 -10.93
CA SER A 370 12.89 -9.76 -9.77
C SER A 370 13.53 -11.14 -9.70
N GLN A 371 12.70 -12.17 -9.86
CA GLN A 371 13.15 -13.55 -9.74
C GLN A 371 14.16 -13.91 -10.82
N ASN A 372 14.02 -13.30 -11.99
CA ASN A 372 14.94 -13.59 -13.09
C ASN A 372 16.32 -13.07 -12.79
N GLY A 373 16.40 -12.09 -11.88
CA GLY A 373 17.67 -11.53 -11.44
C GLY A 373 18.57 -12.51 -10.72
N LYS A 374 18.01 -13.64 -10.26
CA LYS A 374 18.80 -14.66 -9.61
C LYS A 374 19.28 -15.74 -10.60
N LYS A 375 18.63 -15.82 -11.76
CA LYS A 375 18.94 -16.86 -12.75
C LYS A 375 20.36 -16.65 -13.33
N TYR A 376 21.15 -17.73 -13.37
CA TYR A 376 22.55 -17.68 -13.80
C TYR A 376 22.80 -16.90 -15.08
N GLN A 377 22.09 -17.22 -16.15
CA GLN A 377 22.37 -16.55 -17.43
C GLN A 377 21.89 -15.08 -17.50
N SER A 378 21.15 -14.64 -16.49
CA SER A 378 20.58 -13.30 -16.50
C SER A 378 21.21 -12.32 -15.51
N ARG A 379 22.00 -12.81 -14.58
CA ARG A 379 22.58 -11.95 -13.54
C ARG A 379 23.37 -10.78 -14.11
N ASP A 380 24.17 -11.07 -15.12
CA ASP A 380 25.01 -10.08 -15.76
C ASP A 380 24.35 -9.40 -16.98
N SER A 381 23.06 -9.62 -17.19
CA SER A 381 22.38 -8.94 -18.31
C SER A 381 22.06 -7.50 -17.92
N ASP A 382 21.83 -6.66 -18.93
CA ASP A 382 21.53 -5.26 -18.71
C ASP A 382 20.05 -4.90 -18.87
N LEU A 383 19.43 -4.40 -17.82
CA LEU A 383 18.08 -3.85 -17.89
C LEU A 383 18.20 -2.47 -18.53
N LEU A 384 17.33 -2.15 -19.47
CA LEU A 384 17.43 -0.90 -20.24
C LEU A 384 16.53 0.21 -19.74
N SER A 385 17.10 1.41 -19.62
CA SER A 385 16.30 2.58 -19.26
C SER A 385 16.78 3.80 -20.08
N ASN A 386 16.80 3.62 -21.40
CA ASN A 386 17.35 4.61 -22.32
C ASN A 386 16.33 5.40 -23.11
N LEU A 387 15.05 5.09 -22.90
CA LEU A 387 13.98 5.80 -23.59
C LEU A 387 13.93 7.29 -23.24
N GLY A 388 14.09 8.13 -24.26
CA GLY A 388 14.06 9.57 -24.11
C GLY A 388 15.43 10.14 -23.75
N PHE A 389 16.45 9.28 -23.73
CA PHE A 389 17.77 9.77 -23.36
C PHE A 389 18.26 10.70 -24.44
N GLY A 390 18.79 11.84 -24.02
CA GLY A 390 19.35 12.83 -24.93
C GLY A 390 18.37 13.94 -25.27
N GLU A 391 17.23 13.96 -24.60
CA GLU A 391 16.20 14.98 -24.79
C GLU A 391 15.76 15.57 -23.44
N ASP A 392 16.40 15.15 -22.36
CA ASP A 392 16.11 15.71 -21.02
C ASP A 392 16.84 17.04 -20.85
N VAL A 393 16.27 17.97 -20.10
CA VAL A 393 16.92 19.24 -19.86
C VAL A 393 17.03 19.49 -18.35
N TYR A 394 17.90 20.43 -17.99
CA TYR A 394 18.00 20.89 -16.61
C TYR A 394 18.00 22.41 -16.56
N GLY A 395 17.33 22.96 -15.57
CA GLY A 395 17.30 24.39 -15.36
C GLY A 395 16.27 25.10 -16.18
N ASP A 396 15.17 24.42 -16.50
CA ASP A 396 14.14 25.01 -17.33
C ASP A 396 13.50 26.20 -16.61
N ALA A 397 13.05 27.18 -17.39
CA ALA A 397 12.43 28.39 -16.82
C ALA A 397 11.14 28.12 -16.03
N VAL A 398 10.42 27.06 -16.40
CA VAL A 398 9.15 26.74 -15.76
C VAL A 398 9.17 25.44 -14.91
N TYR A 399 9.74 24.36 -15.44
CA TYR A 399 9.72 23.06 -14.75
C TYR A 399 11.12 22.70 -14.30
N PRO A 400 11.32 22.69 -13.00
CA PRO A 400 12.63 22.44 -12.42
C PRO A 400 12.98 20.96 -12.34
N GLY A 401 14.28 20.69 -12.24
CA GLY A 401 14.78 19.34 -12.14
C GLY A 401 15.34 18.90 -13.46
N VAL A 402 15.66 17.61 -13.57
CA VAL A 402 16.05 17.03 -14.85
C VAL A 402 14.70 16.62 -15.42
N VAL A 403 14.33 17.17 -16.58
CA VAL A 403 12.98 17.06 -17.10
C VAL A 403 12.91 16.58 -18.53
N GLY A 404 11.98 15.65 -18.76
CA GLY A 404 11.69 15.10 -20.06
C GLY A 404 10.34 15.63 -20.39
N LYS A 405 10.26 16.43 -21.44
CA LYS A 405 9.01 17.10 -21.80
C LYS A 405 8.19 16.17 -22.64
N SER A 406 7.82 15.04 -22.04
CA SER A 406 7.02 14.01 -22.67
C SER A 406 6.36 13.12 -21.61
N ALA A 407 5.15 12.67 -21.89
CA ALA A 407 4.42 11.88 -20.93
C ALA A 407 5.06 10.52 -20.67
N ILE A 408 5.64 9.93 -21.70
CA ILE A 408 6.18 8.59 -21.61
C ILE A 408 7.66 8.56 -21.94
N GLY A 409 8.46 8.07 -21.00
CA GLY A 409 9.90 7.98 -21.15
C GLY A 409 10.55 7.35 -19.92
N GLU A 410 11.87 7.34 -19.88
CA GLU A 410 12.55 6.67 -18.77
C GLU A 410 13.45 7.63 -17.95
N THR A 411 13.15 8.93 -18.01
CA THR A 411 13.90 9.94 -17.26
C THR A 411 14.02 9.66 -15.78
N SER A 412 12.90 9.32 -15.17
CA SER A 412 12.84 9.07 -13.74
C SER A 412 13.56 7.80 -13.30
N TYR A 413 13.63 6.80 -14.18
CA TYR A 413 14.41 5.60 -13.88
C TYR A 413 15.87 6.04 -13.74
N ARG A 414 16.32 6.83 -14.72
CA ARG A 414 17.73 7.23 -14.81
C ARG A 414 18.21 7.95 -13.56
N GLY A 415 17.38 8.87 -13.05
CA GLY A 415 17.70 9.65 -11.88
C GLY A 415 17.64 8.77 -10.63
N PHE A 416 16.65 7.89 -10.60
CA PHE A 416 16.52 6.94 -9.50
C PHE A 416 17.78 6.10 -9.43
N TYR A 417 18.17 5.49 -10.55
CA TYR A 417 19.35 4.60 -10.52
C TYR A 417 20.67 5.33 -10.39
N ARG A 418 20.72 6.57 -10.84
CA ARG A 418 21.93 7.38 -10.64
C ARG A 418 22.18 7.60 -9.13
N ALA A 419 21.12 7.91 -8.38
CA ALA A 419 21.27 8.12 -6.94
C ALA A 419 21.57 6.80 -6.24
N TYR A 420 20.98 5.73 -6.73
CA TYR A 420 21.21 4.40 -6.18
C TYR A 420 22.69 3.96 -6.34
N GLN A 421 23.27 4.07 -7.53
CA GLN A 421 24.70 3.73 -7.73
C GLN A 421 25.59 4.54 -6.77
N ALA A 422 25.41 5.87 -6.78
CA ALA A 422 26.13 6.79 -5.91
C ALA A 422 26.09 6.39 -4.44
N HIS A 423 24.93 5.99 -3.95
CA HIS A 423 24.82 5.57 -2.56
C HIS A 423 25.52 4.25 -2.29
N VAL A 424 25.37 3.28 -3.21
CA VAL A 424 25.91 1.94 -2.97
C VAL A 424 27.43 1.93 -3.06
N SER A 425 27.98 2.86 -3.81
CA SER A 425 29.44 2.92 -3.93
C SER A 425 30.02 3.92 -2.93
N SER A 426 29.17 4.47 -2.07
CA SER A 426 29.58 5.48 -1.07
C SER A 426 29.48 4.97 0.37
N SER A 427 30.41 5.39 1.22
CA SER A 427 30.44 4.99 2.63
C SER A 427 29.67 5.91 3.54
N ASN A 428 29.40 7.10 3.05
CA ASN A 428 28.68 8.07 3.86
C ASN A 428 28.08 9.17 3.00
N TRP A 429 27.42 10.12 3.63
CA TRP A 429 26.79 11.22 2.91
C TRP A 429 27.78 12.14 2.17
N ALA A 430 28.94 12.42 2.78
CA ALA A 430 29.91 13.29 2.11
C ALA A 430 30.36 12.68 0.77
N GLU A 431 30.60 11.38 0.76
CA GLU A 431 31.01 10.70 -0.47
C GLU A 431 29.90 10.66 -1.53
N PHE A 432 28.64 10.58 -1.08
CA PHE A 432 27.55 10.60 -2.02
C PHE A 432 27.50 11.98 -2.68
N GLU A 433 27.67 13.03 -1.87
CA GLU A 433 27.69 14.40 -2.39
C GLU A 433 28.78 14.56 -3.44
N HIS A 434 29.98 14.08 -3.13
CA HIS A 434 31.10 14.15 -4.07
C HIS A 434 30.79 13.36 -5.34
N ALA A 435 30.13 12.23 -5.18
CA ALA A 435 29.80 11.40 -6.33
C ALA A 435 28.64 12.00 -7.12
N SER A 436 28.04 13.07 -6.60
CA SER A 436 26.87 13.66 -7.23
C SER A 436 27.03 15.13 -7.64
N SER A 437 28.27 15.60 -7.69
CA SER A 437 28.55 17.01 -8.02
C SER A 437 28.25 17.41 -9.47
N THR A 438 28.11 16.45 -10.38
CA THR A 438 27.68 16.78 -11.72
C THR A 438 26.47 15.94 -12.12
N TRP A 439 25.59 15.70 -11.16
CA TRP A 439 24.47 14.80 -11.40
C TRP A 439 23.62 15.21 -12.60
N HIS A 440 23.19 16.47 -12.65
CA HIS A 440 22.30 16.87 -13.73
C HIS A 440 23.03 16.85 -15.08
N THR A 441 24.31 17.17 -15.12
CA THR A 441 25.07 17.07 -16.36
C THR A 441 25.13 15.62 -16.82
N GLU A 442 25.26 14.72 -15.85
CA GLU A 442 25.33 13.31 -16.19
C GLU A 442 24.02 12.84 -16.83
N LEU A 443 22.90 13.33 -16.31
CA LEU A 443 21.59 12.91 -16.80
C LEU A 443 21.17 13.52 -18.16
N THR A 444 21.72 14.68 -18.52
CA THR A 444 21.35 15.33 -19.78
C THR A 444 22.43 15.23 -20.83
N LYS A 445 23.47 14.46 -20.52
CA LYS A 445 24.65 14.37 -21.37
C LYS A 445 24.49 14.79 -22.82
N THR A 446 23.71 14.02 -23.57
CA THR A 446 23.63 14.21 -25.01
C THR A 446 22.64 15.30 -25.45
N THR A 447 22.11 16.08 -24.50
CA THR A 447 21.24 17.22 -24.82
C THR A 447 22.05 18.50 -24.64
N MET B 2 -26.88 -16.48 25.47
CA MET B 2 -26.19 -17.63 26.13
C MET B 2 -24.80 -17.18 26.66
N ILE B 3 -24.12 -16.33 25.89
CA ILE B 3 -22.90 -15.65 26.33
C ILE B 3 -23.08 -14.40 27.21
N ASN B 4 -22.31 -14.33 28.30
CA ASN B 4 -22.16 -13.10 29.07
C ASN B 4 -20.74 -12.59 28.78
N ILE B 5 -20.64 -11.49 28.02
CA ILE B 5 -19.34 -10.98 27.59
C ILE B 5 -18.54 -10.27 28.69
N GLN B 6 -19.18 -10.03 29.83
CA GLN B 6 -18.47 -9.47 30.97
C GLN B 6 -17.64 -10.60 31.59
N GLU B 7 -18.14 -11.82 31.46
CA GLU B 7 -17.42 -13.01 31.95
C GLU B 7 -16.54 -13.64 30.85
N ASP B 8 -17.09 -13.86 29.66
CA ASP B 8 -16.30 -14.39 28.54
C ASP B 8 -15.58 -13.21 27.90
N LYS B 9 -14.49 -12.82 28.54
CA LYS B 9 -13.78 -11.58 28.26
C LYS B 9 -13.15 -11.44 26.87
N LEU B 10 -12.95 -12.53 26.14
CA LEU B 10 -12.35 -12.45 24.81
C LEU B 10 -13.40 -12.28 23.71
N VAL B 11 -14.67 -12.31 24.07
CA VAL B 11 -15.77 -12.32 23.11
C VAL B 11 -16.29 -10.94 22.78
N SER B 12 -16.35 -10.63 21.48
CA SER B 12 -16.85 -9.35 21.01
C SER B 12 -18.38 -9.33 21.06
N ALA B 13 -18.96 -8.15 21.23
CA ALA B 13 -20.43 -8.04 21.29
C ALA B 13 -21.03 -8.58 20.01
N HIS B 14 -20.41 -8.25 18.89
CA HIS B 14 -20.90 -8.71 17.61
C HIS B 14 -20.97 -10.25 17.59
N ASP B 15 -19.89 -10.91 17.98
CA ASP B 15 -19.84 -12.36 17.92
C ASP B 15 -20.93 -12.98 18.79
N ALA B 16 -21.13 -12.41 19.98
CA ALA B 16 -22.17 -12.89 20.89
C ALA B 16 -23.55 -12.72 20.25
N GLU B 17 -23.76 -11.60 19.57
CA GLU B 17 -25.03 -11.38 18.87
C GLU B 17 -25.29 -12.50 17.86
N GLU B 18 -24.29 -12.78 17.02
CA GLU B 18 -24.42 -13.77 15.95
C GLU B 18 -24.71 -15.19 16.44
N ILE B 19 -24.10 -15.59 17.54
CA ILE B 19 -24.27 -16.95 18.00
C ILE B 19 -25.66 -17.15 18.65
N LEU B 20 -26.23 -16.08 19.18
CA LEU B 20 -27.58 -16.12 19.73
C LEU B 20 -28.59 -16.44 18.61
N ARG B 21 -28.35 -15.87 17.44
CA ARG B 21 -29.25 -16.04 16.30
C ARG B 21 -29.30 -17.50 15.79
N PHE B 22 -28.28 -18.31 16.06
CA PHE B 22 -28.27 -19.69 15.56
C PHE B 22 -28.56 -20.79 16.59
N PHE B 23 -28.46 -20.50 17.89
CA PHE B 23 -28.73 -21.51 18.92
C PHE B 23 -30.23 -21.74 19.11
N ASN B 24 -31.04 -21.04 18.32
CA ASN B 24 -32.49 -21.09 18.48
C ASN B 24 -33.25 -21.21 17.16
N CYS B 25 -32.54 -21.46 16.07
CA CYS B 25 -33.16 -21.83 14.83
C CYS B 25 -32.84 -23.29 14.72
N HIS B 26 -33.59 -24.03 15.49
CA HIS B 26 -33.56 -25.45 15.54
C HIS B 26 -34.47 -25.84 14.36
N ASP B 27 -33.86 -25.91 13.18
CA ASP B 27 -34.61 -26.04 11.92
C ASP B 27 -33.80 -26.72 10.80
N SER B 28 -33.90 -28.05 10.73
CA SER B 28 -33.12 -28.90 9.81
C SER B 28 -33.23 -28.66 8.30
N ALA B 29 -34.42 -28.32 7.84
CA ALA B 29 -34.66 -28.14 6.41
C ALA B 29 -33.98 -26.89 5.88
N LEU B 30 -34.02 -25.83 6.68
CA LEU B 30 -33.39 -24.57 6.33
C LEU B 30 -31.88 -24.77 6.21
N GLN B 31 -31.36 -25.64 7.08
CA GLN B 31 -29.93 -25.94 7.12
C GLN B 31 -29.48 -26.60 5.82
N GLN B 32 -30.31 -27.53 5.35
CA GLN B 32 -30.04 -28.25 4.11
C GLN B 32 -30.21 -27.33 2.90
N GLU B 33 -31.20 -26.45 2.92
CA GLU B 33 -31.37 -25.49 1.83
C GLU B 33 -30.11 -24.61 1.71
N ALA B 34 -29.64 -24.13 2.86
CA ALA B 34 -28.48 -23.26 2.89
C ALA B 34 -27.25 -24.01 2.39
N THR B 35 -27.15 -25.27 2.76
CA THR B 35 -26.02 -26.08 2.34
C THR B 35 -25.98 -26.14 0.82
N THR B 36 -27.13 -26.43 0.24
CA THR B 36 -27.25 -26.51 -1.20
C THR B 36 -26.88 -25.20 -1.87
N LEU B 37 -27.47 -24.10 -1.40
CA LEU B 37 -27.15 -22.80 -1.93
C LEU B 37 -25.64 -22.53 -2.00
N LEU B 38 -24.93 -22.80 -0.90
CA LEU B 38 -23.49 -22.52 -0.82
C LEU B 38 -22.67 -23.45 -1.67
N THR B 39 -23.04 -24.71 -1.72
CA THR B 39 -22.29 -25.66 -2.51
C THR B 39 -22.41 -25.29 -3.98
N GLN B 40 -23.60 -24.93 -4.43
CA GLN B 40 -23.78 -24.51 -5.82
C GLN B 40 -23.01 -23.22 -6.12
N GLU B 41 -23.03 -22.27 -5.18
CA GLU B 41 -22.26 -21.04 -5.37
C GLU B 41 -20.76 -21.35 -5.50
N ALA B 42 -20.24 -22.23 -4.64
CA ALA B 42 -18.83 -22.57 -4.69
C ALA B 42 -18.43 -23.24 -6.02
N HIS B 43 -19.31 -24.13 -6.50
CA HIS B 43 -19.09 -24.86 -7.75
C HIS B 43 -18.99 -23.90 -8.92
N LEU B 44 -19.98 -23.01 -9.06
CA LEU B 44 -19.94 -22.03 -10.13
C LEU B 44 -18.66 -21.21 -10.02
N LEU B 45 -18.35 -20.73 -8.83
CA LEU B 45 -17.09 -20.00 -8.64
C LEU B 45 -15.85 -20.85 -9.04
N ASP B 46 -15.80 -22.09 -8.59
CA ASP B 46 -14.64 -22.95 -8.87
C ASP B 46 -14.37 -23.19 -10.35
N ILE B 47 -15.42 -23.19 -11.16
CA ILE B 47 -15.26 -23.38 -12.60
C ILE B 47 -15.13 -22.06 -13.33
N GLN B 48 -15.10 -20.97 -12.56
CA GLN B 48 -14.89 -19.61 -13.07
C GLN B 48 -16.07 -19.10 -13.93
N ALA B 49 -17.27 -19.58 -13.63
CA ALA B 49 -18.48 -19.12 -14.30
C ALA B 49 -18.99 -17.87 -13.59
N TYR B 50 -18.21 -16.80 -13.68
CA TYR B 50 -18.45 -15.57 -12.94
C TYR B 50 -19.74 -14.84 -13.33
N ARG B 51 -20.09 -14.86 -14.61
CA ARG B 51 -21.33 -14.24 -15.05
C ARG B 51 -22.51 -15.04 -14.46
N ALA B 52 -22.41 -16.37 -14.49
CA ALA B 52 -23.45 -17.25 -13.92
C ALA B 52 -23.64 -16.96 -12.44
N TRP B 53 -22.53 -16.81 -11.74
CA TRP B 53 -22.54 -16.52 -10.33
C TRP B 53 -23.35 -15.25 -10.08
N LEU B 54 -23.02 -14.21 -10.84
CA LEU B 54 -23.67 -12.90 -10.71
C LEU B 54 -25.18 -12.98 -10.95
N GLU B 55 -25.56 -13.67 -12.02
CA GLU B 55 -26.94 -13.81 -12.44
C GLU B 55 -27.76 -14.67 -11.48
N HIS B 56 -27.17 -15.77 -11.02
CA HIS B 56 -27.90 -16.75 -10.23
C HIS B 56 -27.70 -16.69 -8.71
N CYS B 57 -26.60 -16.12 -8.23
CA CYS B 57 -26.32 -16.15 -6.79
C CYS B 57 -26.29 -14.82 -6.10
N VAL B 58 -26.18 -13.73 -6.86
CA VAL B 58 -25.94 -12.42 -6.25
C VAL B 58 -27.10 -11.45 -6.47
N GLY B 59 -27.61 -10.88 -5.39
CA GLY B 59 -28.73 -9.96 -5.45
C GLY B 59 -28.33 -8.57 -5.90
N SER B 60 -29.27 -7.89 -6.55
CA SER B 60 -29.00 -6.57 -7.09
C SER B 60 -28.64 -5.56 -5.99
N GLU B 61 -29.11 -5.79 -4.77
CA GLU B 61 -28.82 -4.90 -3.64
C GLU B 61 -27.65 -5.39 -2.77
N VAL B 62 -26.83 -6.28 -3.30
CA VAL B 62 -25.73 -6.87 -2.54
C VAL B 62 -24.69 -5.89 -2.00
N GLN B 63 -24.18 -6.20 -0.81
CA GLN B 63 -22.97 -5.56 -0.29
C GLN B 63 -22.01 -6.73 -0.07
N TYR B 64 -20.92 -6.77 -0.83
CA TYR B 64 -19.91 -7.83 -0.79
C TYR B 64 -18.64 -7.25 -0.12
N GLN B 65 -18.47 -7.56 1.16
CA GLN B 65 -17.45 -6.90 1.96
C GLN B 65 -16.44 -7.83 2.66
N VAL B 66 -15.16 -7.50 2.53
CA VAL B 66 -14.08 -8.21 3.19
C VAL B 66 -13.17 -7.13 3.79
N ILE B 67 -12.96 -7.18 5.11
CA ILE B 67 -12.14 -6.20 5.83
C ILE B 67 -10.83 -6.77 6.39
N SER B 68 -9.85 -5.90 6.58
CA SER B 68 -8.58 -6.25 7.23
C SER B 68 -8.51 -5.31 8.44
N ARG B 69 -8.63 -5.89 9.63
CA ARG B 69 -8.64 -5.17 10.88
C ARG B 69 -7.25 -4.92 11.47
N GLU B 70 -6.99 -3.66 11.82
CA GLU B 70 -5.72 -3.29 12.42
C GLU B 70 -5.52 -3.99 13.78
N LEU B 71 -4.31 -4.44 14.02
CA LEU B 71 -3.96 -5.13 15.25
C LEU B 71 -3.81 -4.12 16.39
N ARG B 72 -4.68 -4.21 17.39
CA ARG B 72 -4.69 -3.27 18.51
C ARG B 72 -4.58 -4.02 19.84
N ALA B 73 -4.25 -3.30 20.90
CA ALA B 73 -4.12 -3.93 22.22
C ALA B 73 -5.45 -4.47 22.70
N ALA B 74 -5.44 -5.64 23.32
CA ALA B 74 -6.62 -6.21 23.93
C ALA B 74 -7.26 -5.19 24.89
N SER B 75 -6.41 -4.45 25.62
CA SER B 75 -6.86 -3.41 26.56
C SER B 75 -7.04 -2.01 25.97
N GLU B 76 -6.97 -1.87 24.65
CA GLU B 76 -7.08 -0.55 24.01
C GLU B 76 -8.46 0.06 24.20
N ARG B 77 -8.47 1.33 24.59
CA ARG B 77 -9.71 2.04 24.92
C ARG B 77 -9.70 3.54 24.57
N ARG B 78 -8.53 4.10 24.25
CA ARG B 78 -8.43 5.52 23.91
C ARG B 78 -8.32 5.78 22.39
N TYR B 79 -7.51 4.98 21.68
CA TYR B 79 -7.29 5.15 20.24
C TYR B 79 -8.52 4.74 19.45
N LYS B 80 -9.15 5.71 18.78
CA LYS B 80 -10.44 5.49 18.12
C LYS B 80 -10.49 5.70 16.59
N LEU B 81 -9.34 5.85 15.94
CA LEU B 81 -9.28 6.00 14.47
C LEU B 81 -9.69 4.71 13.75
N ASN B 82 -9.98 4.80 12.45
CA ASN B 82 -10.41 3.65 11.63
C ASN B 82 -9.76 2.32 12.04
N GLU B 83 -10.58 1.36 12.45
CA GLU B 83 -10.13 0.05 12.91
C GLU B 83 -9.84 -0.89 11.78
N ALA B 84 -10.44 -0.62 10.64
CA ALA B 84 -10.32 -1.55 9.52
C ALA B 84 -10.37 -0.87 8.17
N MET B 85 -9.83 -1.55 7.16
CA MET B 85 -9.94 -1.11 5.77
C MET B 85 -10.70 -2.16 4.99
N ASN B 86 -11.22 -1.77 3.83
CA ASN B 86 -11.98 -2.65 2.99
C ASN B 86 -11.14 -3.25 1.85
N VAL B 87 -10.86 -4.54 1.95
CA VAL B 87 -10.20 -5.26 0.90
C VAL B 87 -11.22 -5.35 -0.24
N TYR B 88 -12.47 -5.65 0.10
CA TYR B 88 -13.61 -5.57 -0.80
C TYR B 88 -14.71 -4.82 -0.06
N ASN B 89 -15.48 -4.02 -0.79
CA ASN B 89 -16.73 -3.42 -0.26
C ASN B 89 -17.54 -3.02 -1.50
N GLU B 90 -18.12 -4.03 -2.14
CA GLU B 90 -18.69 -3.88 -3.47
C GLU B 90 -20.19 -3.98 -3.59
N ASN B 91 -20.72 -3.15 -4.49
CA ASN B 91 -22.11 -3.21 -4.85
C ASN B 91 -22.14 -4.07 -6.11
N PHE B 92 -23.32 -4.31 -6.65
CA PHE B 92 -23.47 -5.17 -7.83
C PHE B 92 -22.64 -4.68 -9.02
N GLN B 93 -22.65 -3.38 -9.26
CA GLN B 93 -21.91 -2.81 -10.38
C GLN B 93 -20.42 -3.02 -10.22
N GLN B 94 -19.92 -2.81 -9.00
CA GLN B 94 -18.50 -2.99 -8.73
C GLN B 94 -18.09 -4.44 -8.95
N LEU B 95 -18.93 -5.37 -8.50
CA LEU B 95 -18.69 -6.80 -8.75
C LEU B 95 -18.67 -7.09 -10.25
N LYS B 96 -19.51 -6.39 -11.01
CA LYS B 96 -19.59 -6.60 -12.46
C LYS B 96 -18.27 -6.15 -13.11
N VAL B 97 -17.76 -5.01 -12.68
CA VAL B 97 -16.46 -4.54 -13.17
C VAL B 97 -15.39 -5.61 -12.91
N ARG B 98 -15.32 -6.13 -11.68
CA ARG B 98 -14.32 -7.15 -11.38
C ARG B 98 -14.50 -8.37 -12.28
N VAL B 99 -15.76 -8.74 -12.52
CA VAL B 99 -16.03 -9.90 -13.37
C VAL B 99 -15.55 -9.63 -14.81
N GLU B 100 -15.86 -8.45 -15.33
CA GLU B 100 -15.39 -8.08 -16.67
C GLU B 100 -13.85 -8.13 -16.69
N HIS B 101 -13.23 -7.57 -15.67
CA HIS B 101 -11.77 -7.60 -15.59
C HIS B 101 -11.28 -9.06 -15.67
N GLN B 102 -11.98 -9.98 -14.99
CA GLN B 102 -11.60 -11.39 -15.06
C GLN B 102 -11.78 -12.00 -16.47
N LEU B 103 -12.82 -11.60 -17.19
CA LEU B 103 -13.15 -12.22 -18.48
C LEU B 103 -12.38 -11.67 -19.67
N ASP B 104 -11.89 -10.44 -19.51
CA ASP B 104 -11.16 -9.75 -20.56
C ASP B 104 -10.01 -10.60 -21.10
N PRO B 105 -9.99 -10.77 -22.42
CA PRO B 105 -8.90 -11.49 -23.11
C PRO B 105 -7.51 -10.89 -22.88
N GLN B 106 -7.42 -9.63 -22.47
CA GLN B 106 -6.09 -9.07 -22.19
C GLN B 106 -5.70 -9.09 -20.72
N ASN B 107 -6.43 -9.85 -19.90
CA ASN B 107 -6.01 -10.07 -18.51
C ASN B 107 -4.91 -11.10 -18.68
N TRP B 108 -3.66 -10.66 -18.71
CA TRP B 108 -2.53 -11.56 -18.95
C TRP B 108 -2.32 -12.55 -17.79
N GLY B 109 -2.71 -12.14 -16.58
CA GLY B 109 -2.55 -12.98 -15.41
C GLY B 109 -3.42 -14.23 -15.42
N ASN B 110 -4.46 -14.23 -16.27
CA ASN B 110 -5.35 -15.37 -16.43
C ASN B 110 -4.92 -16.40 -17.48
N SER B 111 -3.69 -16.28 -17.99
CA SER B 111 -3.15 -17.24 -18.97
C SER B 111 -1.78 -17.66 -18.50
N PRO B 112 -1.58 -18.95 -18.22
CA PRO B 112 -2.58 -19.99 -18.37
C PRO B 112 -3.69 -19.93 -17.31
N LYS B 113 -4.77 -20.65 -17.58
CA LYS B 113 -5.94 -20.63 -16.72
C LYS B 113 -5.66 -21.03 -15.26
N LEU B 114 -6.24 -20.25 -14.36
CA LEU B 114 -6.10 -20.52 -12.93
C LEU B 114 -6.90 -21.76 -12.52
N ARG B 115 -6.54 -22.35 -11.39
CA ARG B 115 -7.29 -23.48 -10.85
C ARG B 115 -7.76 -23.17 -9.42
N PHE B 116 -9.08 -23.13 -9.23
CA PHE B 116 -9.68 -22.90 -7.92
C PHE B 116 -10.38 -24.13 -7.39
N THR B 117 -10.33 -24.28 -6.08
CA THR B 117 -10.96 -25.41 -5.41
C THR B 117 -11.44 -24.83 -4.09
N ARG B 118 -12.73 -24.94 -3.79
CA ARG B 118 -13.28 -24.33 -2.59
C ARG B 118 -13.91 -25.37 -1.69
N PHE B 119 -13.72 -25.23 -0.40
CA PHE B 119 -14.28 -26.13 0.58
C PHE B 119 -15.14 -25.34 1.56
N ILE B 120 -16.43 -25.62 1.57
CA ILE B 120 -17.38 -24.94 2.42
C ILE B 120 -17.83 -25.87 3.55
N THR B 121 -17.69 -25.42 4.79
CA THR B 121 -18.06 -26.24 5.92
C THR B 121 -18.75 -25.43 7.01
N ASN B 122 -19.19 -26.14 8.04
CA ASN B 122 -19.78 -25.53 9.22
C ASN B 122 -20.97 -24.64 8.92
N VAL B 123 -21.84 -25.06 8.01
CA VAL B 123 -23.00 -24.26 7.61
C VAL B 123 -24.09 -24.14 8.70
N GLN B 124 -24.49 -22.92 9.03
CA GLN B 124 -25.62 -22.67 9.93
C GLN B 124 -26.57 -21.70 9.26
N ALA B 125 -27.88 -21.91 9.48
CA ALA B 125 -28.90 -21.08 8.87
C ALA B 125 -29.99 -20.68 9.87
N ALA B 126 -30.48 -19.45 9.78
CA ALA B 126 -31.60 -18.96 10.60
C ALA B 126 -32.30 -17.81 9.89
N MET B 127 -33.63 -17.85 9.90
CA MET B 127 -34.44 -16.76 9.34
C MET B 127 -34.28 -15.53 10.21
N ASP B 128 -34.36 -14.36 9.59
CA ASP B 128 -34.32 -13.08 10.31
C ASP B 128 -35.64 -12.85 11.05
N VAL B 129 -35.57 -12.20 12.21
CA VAL B 129 -36.77 -11.99 13.04
C VAL B 129 -37.84 -11.11 12.40
N ASN B 130 -37.45 -10.04 11.73
CA ASN B 130 -38.40 -9.08 11.18
C ASN B 130 -38.74 -9.32 9.70
N ASP B 131 -37.71 -9.39 8.85
CA ASP B 131 -37.93 -9.65 7.42
C ASP B 131 -38.01 -11.17 7.22
N LYS B 132 -39.22 -11.70 7.10
CA LYS B 132 -39.42 -13.15 6.99
C LYS B 132 -38.87 -13.69 5.70
N GLU B 133 -38.51 -12.81 4.77
CA GLU B 133 -37.93 -13.26 3.53
C GLU B 133 -36.39 -13.23 3.60
N LEU B 134 -35.85 -12.88 4.77
CA LEU B 134 -34.40 -12.76 4.89
C LEU B 134 -33.72 -13.88 5.69
N LEU B 135 -32.85 -14.61 5.02
CA LEU B 135 -32.15 -15.73 5.63
C LEU B 135 -30.68 -15.40 5.99
N HIS B 136 -30.32 -15.58 7.26
CA HIS B 136 -28.92 -15.47 7.70
C HIS B 136 -28.21 -16.82 7.53
N ILE B 137 -27.06 -16.80 6.88
CA ILE B 137 -26.29 -18.03 6.69
C ILE B 137 -24.84 -17.82 7.07
N ARG B 138 -24.33 -18.66 7.96
CA ARG B 138 -22.94 -18.62 8.36
C ARG B 138 -22.23 -19.89 7.84
N SER B 139 -21.01 -19.69 7.32
CA SER B 139 -20.19 -20.79 6.83
C SER B 139 -18.72 -20.41 6.82
N ASN B 140 -17.86 -21.42 6.81
CA ASN B 140 -16.43 -21.21 6.75
C ASN B 140 -15.93 -21.70 5.41
N VAL B 141 -14.91 -21.04 4.87
CA VAL B 141 -14.37 -21.42 3.58
C VAL B 141 -12.84 -21.57 3.61
N ILE B 142 -12.41 -22.60 2.90
CA ILE B 142 -10.99 -22.79 2.64
C ILE B 142 -10.95 -22.65 1.13
N LEU B 143 -10.15 -21.73 0.63
CA LEU B 143 -10.08 -21.50 -0.82
C LEU B 143 -8.67 -21.71 -1.31
N HIS B 144 -8.53 -22.61 -2.28
CA HIS B 144 -7.24 -23.01 -2.78
C HIS B 144 -7.07 -22.57 -4.23
N ARG B 145 -6.03 -21.77 -4.47
CA ARG B 145 -5.72 -21.24 -5.80
C ARG B 145 -4.34 -21.68 -6.28
N ALA B 146 -4.30 -22.31 -7.47
CA ALA B 146 -3.05 -22.80 -8.02
C ALA B 146 -2.83 -22.20 -9.37
N ARG B 147 -1.62 -21.73 -9.62
CA ARG B 147 -1.33 -21.14 -10.92
C ARG B 147 0.15 -21.21 -11.23
N ARG B 148 0.41 -21.21 -12.53
CA ARG B 148 1.75 -21.10 -13.08
C ARG B 148 2.75 -22.11 -12.61
N GLY B 149 2.33 -23.37 -12.51
CA GLY B 149 3.24 -24.43 -12.17
C GLY B 149 3.41 -24.67 -10.69
N ASN B 150 3.91 -23.67 -9.99
CA ASN B 150 4.26 -23.87 -8.59
C ASN B 150 3.78 -22.78 -7.64
N GLN B 151 2.84 -21.94 -8.09
CA GLN B 151 2.24 -20.97 -7.18
C GLN B 151 1.01 -21.61 -6.53
N VAL B 152 0.99 -21.57 -5.20
CA VAL B 152 -0.10 -22.10 -4.43
C VAL B 152 -0.44 -21.19 -3.26
N ASP B 153 -1.68 -20.71 -3.23
CA ASP B 153 -2.19 -19.88 -2.15
C ASP B 153 -3.45 -20.48 -1.56
N VAL B 154 -3.50 -20.53 -0.23
CA VAL B 154 -4.66 -21.05 0.48
C VAL B 154 -5.21 -19.97 1.42
N PHE B 155 -6.51 -19.73 1.30
CA PHE B 155 -7.19 -18.70 2.08
C PHE B 155 -8.17 -19.37 3.03
N TYR B 156 -8.34 -18.79 4.23
CA TYR B 156 -9.23 -19.32 5.25
C TYR B 156 -10.10 -18.22 5.83
N ALA B 157 -11.39 -18.47 5.98
CA ALA B 157 -12.25 -17.43 6.54
C ALA B 157 -13.64 -17.90 6.96
N ALA B 158 -14.26 -17.11 7.84
CA ALA B 158 -15.64 -17.30 8.22
C ALA B 158 -16.48 -16.27 7.44
N ARG B 159 -17.62 -16.69 6.93
CA ARG B 159 -18.51 -15.81 6.17
C ARG B 159 -19.86 -15.57 6.85
N GLU B 160 -20.21 -14.30 7.06
CA GLU B 160 -21.55 -13.96 7.58
C GLU B 160 -22.40 -13.44 6.42
N ASP B 161 -23.35 -14.24 5.98
CA ASP B 161 -24.18 -13.89 4.84
C ASP B 161 -25.61 -13.57 5.20
N LYS B 162 -26.25 -12.84 4.30
CA LYS B 162 -27.69 -12.62 4.29
C LYS B 162 -28.15 -12.93 2.87
N TRP B 163 -29.13 -13.81 2.77
CA TRP B 163 -29.66 -14.21 1.49
C TRP B 163 -31.17 -13.96 1.48
N LYS B 164 -31.71 -13.52 0.34
CA LYS B 164 -33.13 -13.24 0.20
C LYS B 164 -33.68 -13.80 -1.12
N ARG B 165 -34.91 -14.31 -1.09
CA ARG B 165 -35.58 -14.75 -2.30
C ARG B 165 -35.96 -13.46 -2.96
N GLY B 166 -35.54 -13.25 -4.18
CA GLY B 166 -36.00 -12.06 -4.84
C GLY B 166 -36.98 -12.57 -5.85
N GLU B 167 -36.56 -12.53 -7.10
CA GLU B 167 -37.46 -12.99 -8.13
C GLU B 167 -36.99 -14.22 -8.88
N GLY B 168 -37.98 -15.06 -9.09
CA GLY B 168 -37.84 -16.36 -9.69
C GLY B 168 -37.95 -17.28 -8.46
N GLY B 169 -38.04 -16.65 -7.30
CA GLY B 169 -38.06 -17.36 -6.05
C GLY B 169 -36.64 -17.76 -5.70
N VAL B 170 -35.71 -17.51 -6.61
CA VAL B 170 -34.32 -17.87 -6.36
C VAL B 170 -33.77 -17.02 -5.22
N ARG B 171 -33.26 -17.72 -4.22
CA ARG B 171 -32.63 -17.13 -3.07
C ARG B 171 -31.27 -16.61 -3.55
N LYS B 172 -31.00 -15.33 -3.35
CA LYS B 172 -29.73 -14.73 -3.76
C LYS B 172 -29.03 -13.98 -2.63
N LEU B 173 -27.72 -13.80 -2.79
CA LEU B 173 -26.86 -13.15 -1.80
C LEU B 173 -27.08 -11.64 -1.77
N VAL B 174 -27.38 -11.14 -0.59
CA VAL B 174 -27.65 -9.72 -0.41
C VAL B 174 -26.60 -9.07 0.47
N GLN B 175 -25.88 -9.88 1.25
CA GLN B 175 -24.76 -9.36 2.04
C GLN B 175 -23.81 -10.47 2.42
N ARG B 176 -22.53 -10.22 2.18
CA ARG B 176 -21.50 -11.13 2.66
C ARG B 176 -20.53 -10.28 3.43
N PHE B 177 -20.24 -10.69 4.65
CA PHE B 177 -19.26 -9.99 5.48
C PHE B 177 -18.18 -10.96 5.98
N VAL B 178 -16.92 -10.62 5.70
CA VAL B 178 -15.77 -11.42 6.10
C VAL B 178 -14.73 -10.53 6.79
N ASP B 179 -14.37 -10.90 8.01
CA ASP B 179 -13.30 -10.23 8.71
C ASP B 179 -12.08 -11.14 8.50
N TYR B 180 -11.24 -10.84 7.51
CA TYR B 180 -10.14 -11.73 7.15
C TYR B 180 -9.16 -11.93 8.32
N PRO B 181 -8.92 -13.18 8.70
CA PRO B 181 -8.16 -13.50 9.92
C PRO B 181 -6.65 -13.28 9.87
N GLU B 182 -6.04 -13.17 8.69
CA GLU B 182 -4.60 -12.94 8.62
C GLU B 182 -4.37 -11.46 8.32
N ARG B 183 -3.70 -10.75 9.22
CA ARG B 183 -3.51 -9.33 9.01
C ARG B 183 -2.65 -9.04 7.77
N ILE B 184 -1.49 -9.70 7.68
CA ILE B 184 -0.59 -9.50 6.53
C ILE B 184 -0.70 -10.71 5.60
N LEU B 185 -1.21 -10.51 4.39
CA LEU B 185 -1.41 -11.65 3.49
C LEU B 185 -0.10 -12.15 2.96
N GLN B 186 0.08 -13.46 3.00
CA GLN B 186 1.29 -14.14 2.49
C GLN B 186 0.92 -14.89 1.20
N THR B 187 -0.02 -14.34 0.43
CA THR B 187 -0.58 -15.01 -0.73
C THR B 187 -0.54 -14.19 -2.02
N HIS B 188 0.37 -13.21 -2.11
CA HIS B 188 0.54 -12.36 -3.29
C HIS B 188 -0.55 -11.28 -3.43
N ASN B 189 -1.81 -11.66 -3.22
CA ASN B 189 -2.90 -10.70 -3.27
C ASN B 189 -4.10 -11.41 -2.68
N LEU B 190 -5.21 -10.69 -2.49
CA LEU B 190 -6.45 -11.32 -2.03
C LEU B 190 -7.50 -11.28 -3.14
N MET B 191 -7.04 -11.39 -4.39
CA MET B 191 -7.90 -11.34 -5.57
C MET B 191 -8.72 -12.58 -5.86
N VAL B 192 -9.52 -13.02 -4.91
CA VAL B 192 -10.39 -14.17 -5.10
C VAL B 192 -11.72 -13.82 -4.46
N PHE B 193 -12.80 -14.45 -4.93
CA PHE B 193 -14.11 -14.27 -4.32
C PHE B 193 -14.32 -15.28 -3.21
N LEU B 194 -14.19 -14.82 -1.98
CA LEU B 194 -14.48 -15.64 -0.82
C LEU B 194 -16.00 -15.79 -0.66
FE1 FES C . 14.06 -8.22 29.91
FE2 FES C . 12.66 -6.69 28.20
S1 FES C . 12.61 -6.66 30.42
S2 FES C . 13.93 -8.38 27.70
N NO D . 0.44 5.79 -13.72
O NO D . 1.33 4.99 -13.46
FE FE E . 1.04 -0.91 -13.05
S SO4 F . -20.19 -0.63 6.73
O1 SO4 F . -18.78 -0.98 6.88
O2 SO4 F . -20.43 -0.03 5.43
O3 SO4 F . -21.01 -1.84 6.88
O4 SO4 F . -20.56 0.33 7.78
S SO4 G . -32.64 -9.84 -7.65
O1 SO4 G . -32.90 -11.27 -7.57
O2 SO4 G . -31.87 -9.54 -8.85
O3 SO4 G . -33.92 -9.15 -7.71
O4 SO4 G . -31.90 -9.41 -6.46
#